data_3G1N
#
_entry.id   3G1N
#
_cell.length_a   176.530
_cell.length_b   72.213
_cell.length_c   77.238
_cell.angle_alpha   90.00
_cell.angle_beta   106.94
_cell.angle_gamma   90.00
#
_symmetry.space_group_name_H-M   'C 1 2 1'
#
loop_
_entity.id
_entity.type
_entity.pdbx_description
1 polymer 'E3 ubiquitin-protein ligase HUWE1'
2 non-polymer 'SODIUM ION'
3 water water
#
_entity_poly.entity_id   1
_entity_poly.type   'polypeptide(L)'
_entity_poly.pdbx_seq_one_letter_code
;MHHHHHHSSGRENLYFQGLERLDEGLRKEDMAVHVRRDHVFEDSYRELHRKSPEEMKNRLYIVFEGEEGQDAGGLLREWY
MIISREMFNPMYALFRTSPGDRVTYTINPSSHCNPNHLSYFKFVGRIVAKAVYDNRLLECYFTRSFYKHILGKSVRYTDM
ESEDYHFYQGLVYLLENDVSTLGYDLTFSTEVQEFGVCEVRDLKPNGANILVTEENKKEYVHLVCQMRMTGAIRKQLAAF
LEGFYEIIPKRLISIFTEQELELLISGLPTIDIDDLKSNTEYHKYQSNSIQIQWFWRALRSFDQADRAKFLQFVTGTSKV
PLQGFAALEGMNGIQKFQIHRDDRSTDRLPSAHTCFNQLDLPAYESFEKLRHMLLLAIQECSEGFGLA
;
_entity_poly.pdbx_strand_id   A,B
#
loop_
_chem_comp.id
_chem_comp.type
_chem_comp.name
_chem_comp.formula
NA non-polymer 'SODIUM ION' 'Na 1'
#
# COMPACT_ATOMS: atom_id res chain seq x y z
N HIS A 7 -0.77 -12.28 -13.35
CA HIS A 7 -2.03 -12.20 -12.54
C HIS A 7 -3.04 -11.25 -13.16
N SER A 8 -2.65 -9.97 -13.27
CA SER A 8 -3.42 -8.99 -14.02
C SER A 8 -3.22 -9.28 -15.50
N SER A 9 -2.19 -10.07 -15.81
CA SER A 9 -1.94 -10.59 -17.14
C SER A 9 -2.98 -11.65 -17.51
N GLY A 10 -4.24 -11.22 -17.56
CA GLY A 10 -5.35 -12.02 -18.06
C GLY A 10 -6.34 -12.51 -17.02
N ARG A 11 -5.83 -13.22 -16.03
CA ARG A 11 -6.65 -13.98 -15.09
C ARG A 11 -7.60 -13.15 -14.23
N GLU A 12 -7.05 -12.18 -13.51
CA GLU A 12 -7.85 -11.29 -12.66
C GLU A 12 -9.07 -10.76 -13.41
N ASN A 13 -8.88 -10.53 -14.70
CA ASN A 13 -9.80 -9.79 -15.55
C ASN A 13 -10.88 -10.67 -16.15
N LEU A 14 -10.53 -11.92 -16.43
CA LEU A 14 -11.52 -12.95 -16.74
C LEU A 14 -12.46 -13.10 -15.54
N TYR A 15 -11.87 -13.11 -14.36
CA TYR A 15 -12.61 -13.29 -13.11
C TYR A 15 -13.66 -12.19 -12.93
N PHE A 16 -13.30 -10.95 -13.25
CA PHE A 16 -14.28 -9.86 -13.21
C PHE A 16 -15.33 -10.01 -14.31
N GLN A 17 -14.88 -10.40 -15.50
CA GLN A 17 -15.75 -10.64 -16.63
C GLN A 17 -16.81 -11.69 -16.27
N GLY A 18 -16.35 -12.80 -15.70
CA GLY A 18 -17.23 -13.90 -15.30
C GLY A 18 -18.18 -13.56 -14.16
N LEU A 19 -17.75 -12.66 -13.28
CA LEU A 19 -18.57 -12.23 -12.15
C LEU A 19 -19.69 -11.31 -12.62
N GLU A 20 -19.33 -10.32 -13.44
CA GLU A 20 -20.26 -9.39 -14.06
C GLU A 20 -21.35 -10.12 -14.88
N ARG A 21 -21.01 -11.29 -15.42
CA ARG A 21 -21.94 -12.07 -16.24
C ARG A 21 -23.05 -12.73 -15.44
N LEU A 22 -22.78 -13.02 -14.17
CA LEU A 22 -23.81 -13.54 -13.26
C LEU A 22 -24.69 -12.41 -12.74
N ASP A 23 -24.14 -11.19 -12.74
CA ASP A 23 -24.90 -10.00 -12.38
C ASP A 23 -25.90 -9.63 -13.47
N GLU A 24 -25.67 -10.08 -14.70
CA GLU A 24 -26.55 -9.75 -15.83
C GLU A 24 -28.03 -9.78 -15.47
N GLY A 25 -28.65 -8.59 -15.42
CA GLY A 25 -30.08 -8.47 -15.14
C GLY A 25 -30.45 -8.40 -13.67
N LEU A 26 -29.45 -8.25 -12.82
CA LEU A 26 -29.67 -8.05 -11.41
C LEU A 26 -29.71 -6.54 -11.19
N ARG A 27 -30.84 -6.01 -10.76
CA ARG A 27 -30.86 -4.62 -10.39
C ARG A 27 -30.89 -4.45 -8.89
N LYS A 28 -29.83 -3.83 -8.39
CA LYS A 28 -29.51 -3.78 -6.98
C LYS A 28 -30.32 -2.71 -6.27
N GLU A 29 -30.54 -2.92 -4.98
CA GLU A 29 -31.26 -1.95 -4.17
C GLU A 29 -30.40 -1.40 -3.05
N ASP A 30 -30.98 -0.50 -2.27
CA ASP A 30 -30.39 -0.06 -1.02
C ASP A 30 -31.03 -0.87 0.10
N MET A 31 -30.26 -1.13 1.15
CA MET A 31 -30.69 -2.07 2.17
C MET A 31 -30.16 -1.70 3.54
N ALA A 32 -31.08 -1.59 4.49
CA ALA A 32 -30.77 -1.12 5.83
C ALA A 32 -30.08 -2.16 6.69
N VAL A 33 -29.11 -1.71 7.47
CA VAL A 33 -28.54 -2.51 8.53
C VAL A 33 -28.69 -1.71 9.83
N HIS A 34 -29.68 -2.08 10.64
CA HIS A 34 -29.92 -1.40 11.91
C HIS A 34 -29.10 -2.06 13.02
N VAL A 35 -28.32 -1.24 13.71
CA VAL A 35 -27.23 -1.73 14.55
C VAL A 35 -27.07 -0.83 15.79
N ARG A 36 -26.71 -1.45 16.91
CA ARG A 36 -26.32 -0.69 18.10
C ARG A 36 -24.80 -0.71 18.21
N ARG A 37 -24.23 0.35 18.77
CA ARG A 37 -22.78 0.55 18.73
C ARG A 37 -22.00 -0.55 19.46
N ASP A 38 -22.50 -0.95 20.62
CA ASP A 38 -21.84 -1.99 21.40
C ASP A 38 -22.26 -3.38 20.99
N HIS A 39 -23.07 -3.46 19.95
CA HIS A 39 -23.63 -4.72 19.49
C HIS A 39 -23.51 -4.86 17.98
N VAL A 40 -22.61 -4.10 17.39
CA VAL A 40 -22.48 -4.05 15.93
C VAL A 40 -22.47 -5.46 15.31
N PHE A 41 -21.60 -6.34 15.80
CA PHE A 41 -21.42 -7.65 15.20
C PHE A 41 -22.68 -8.53 15.26
N GLU A 42 -23.28 -8.58 16.44
CA GLU A 42 -24.44 -9.45 16.64
C GLU A 42 -25.72 -8.87 16.05
N ASP A 43 -25.87 -7.55 16.11
CA ASP A 43 -26.97 -6.90 15.42
C ASP A 43 -26.82 -7.09 13.91
N SER A 44 -25.59 -6.98 13.41
CA SER A 44 -25.32 -7.20 11.98
C SER A 44 -25.66 -8.61 11.53
N TYR A 45 -25.37 -9.59 12.38
CA TYR A 45 -25.74 -10.97 12.15
C TYR A 45 -27.26 -11.09 12.05
N ARG A 46 -27.95 -10.54 13.05
CA ARG A 46 -29.41 -10.65 13.11
C ARG A 46 -30.07 -9.98 11.91
N GLU A 47 -29.44 -8.92 11.42
CA GLU A 47 -29.97 -8.10 10.36
C GLU A 47 -29.73 -8.71 8.98
N LEU A 48 -28.67 -9.50 8.84
CA LEU A 48 -28.28 -9.99 7.50
C LEU A 48 -28.25 -11.51 7.24
N HIS A 49 -28.18 -12.34 8.29
CA HIS A 49 -27.97 -13.79 8.09
C HIS A 49 -29.12 -14.53 7.37
N ARG A 50 -30.34 -14.01 7.48
N ARG A 50 -30.34 -13.99 7.48
CA ARG A 50 -31.48 -14.65 6.83
CA ARG A 50 -31.51 -14.59 6.85
C ARG A 50 -31.78 -14.09 5.44
C ARG A 50 -31.81 -14.03 5.46
N LYS A 51 -30.88 -13.24 4.92
CA LYS A 51 -31.02 -12.67 3.57
C LYS A 51 -30.71 -13.73 2.50
N SER A 52 -31.16 -13.50 1.26
CA SER A 52 -30.80 -14.40 0.17
C SER A 52 -29.41 -14.01 -0.34
N PRO A 53 -28.74 -14.89 -1.11
CA PRO A 53 -27.50 -14.40 -1.71
C PRO A 53 -27.71 -13.16 -2.58
N GLU A 54 -28.78 -13.15 -3.38
CA GLU A 54 -29.07 -12.01 -4.27
C GLU A 54 -29.34 -10.73 -3.48
N GLU A 55 -30.11 -10.85 -2.41
CA GLU A 55 -30.36 -9.74 -1.47
C GLU A 55 -29.03 -9.19 -0.94
N MET A 56 -28.10 -10.08 -0.65
CA MET A 56 -26.81 -9.72 -0.09
C MET A 56 -25.89 -8.95 -1.05
N LYS A 57 -26.29 -8.84 -2.32
CA LYS A 57 -25.53 -8.11 -3.33
C LYS A 57 -26.01 -6.67 -3.43
N ASN A 58 -26.93 -6.29 -2.55
CA ASN A 58 -27.46 -4.94 -2.52
C ASN A 58 -26.48 -3.92 -1.93
N ARG A 59 -26.77 -2.66 -2.19
CA ARG A 59 -26.08 -1.56 -1.54
C ARG A 59 -26.47 -1.56 -0.08
N LEU A 60 -25.46 -1.72 0.78
CA LEU A 60 -25.68 -1.61 2.21
C LEU A 60 -25.66 -0.13 2.61
N TYR A 61 -26.54 0.22 3.53
CA TYR A 61 -26.39 1.46 4.28
C TYR A 61 -26.73 1.17 5.72
N ILE A 62 -25.94 1.73 6.63
CA ILE A 62 -26.02 1.31 8.02
C ILE A 62 -26.57 2.40 8.97
N VAL A 63 -27.45 1.98 9.87
CA VAL A 63 -28.11 2.87 10.79
C VAL A 63 -27.70 2.54 12.21
N PHE A 64 -26.91 3.43 12.83
CA PHE A 64 -26.53 3.30 14.23
C PHE A 64 -27.63 3.85 15.11
N GLU A 65 -28.27 2.98 15.87
CA GLU A 65 -29.46 3.32 16.67
C GLU A 65 -29.24 4.55 17.57
N GLY A 66 -30.10 5.54 17.40
CA GLY A 66 -30.12 6.70 18.30
C GLY A 66 -28.92 7.63 18.27
N GLU A 67 -28.10 7.54 17.23
CA GLU A 67 -27.01 8.52 17.07
C GLU A 67 -27.07 9.33 15.78
N GLU A 68 -26.81 10.63 15.91
CA GLU A 68 -27.08 11.66 14.89
C GLU A 68 -26.73 11.28 13.43
N GLY A 69 -27.59 11.71 12.50
CA GLY A 69 -27.44 11.41 11.07
C GLY A 69 -26.05 11.70 10.51
N GLN A 70 -25.50 10.70 9.81
CA GLN A 70 -24.10 10.71 9.40
C GLN A 70 -23.89 10.40 7.91
N ASP A 71 -22.68 10.69 7.43
CA ASP A 71 -22.29 10.43 6.05
C ASP A 71 -22.36 8.93 5.76
N ALA A 72 -23.24 8.55 4.83
CA ALA A 72 -23.45 7.13 4.50
C ALA A 72 -22.18 6.39 4.13
N GLY A 73 -21.35 7.00 3.29
CA GLY A 73 -20.09 6.39 2.87
C GLY A 73 -19.12 6.16 4.02
N GLY A 74 -18.97 7.16 4.88
CA GLY A 74 -18.08 7.06 6.03
C GLY A 74 -18.51 6.00 7.02
N LEU A 75 -19.83 5.88 7.19
CA LEU A 75 -20.43 4.88 8.08
C LEU A 75 -20.20 3.45 7.60
N LEU A 76 -20.38 3.22 6.31
CA LEU A 76 -20.23 1.89 5.73
C LEU A 76 -18.78 1.42 5.89
N ARG A 77 -17.86 2.36 5.68
CA ARG A 77 -16.45 2.12 5.87
C ARG A 77 -16.19 1.81 7.34
N GLU A 78 -16.64 2.69 8.23
CA GLU A 78 -16.55 2.45 9.67
C GLU A 78 -17.07 1.05 10.07
N TRP A 79 -18.26 0.70 9.57
CA TRP A 79 -18.92 -0.59 9.82
C TRP A 79 -18.09 -1.79 9.39
N TYR A 80 -17.60 -1.77 8.15
CA TYR A 80 -16.74 -2.84 7.64
C TYR A 80 -15.52 -3.05 8.51
N MET A 81 -14.95 -1.95 8.98
CA MET A 81 -13.80 -2.00 9.87
C MET A 81 -14.12 -2.70 11.19
N ILE A 82 -15.28 -2.36 11.78
CA ILE A 82 -15.74 -3.02 13.00
C ILE A 82 -16.00 -4.50 12.82
N ILE A 83 -16.71 -4.87 11.76
CA ILE A 83 -16.95 -6.28 11.46
C ILE A 83 -15.62 -7.04 11.33
N SER A 84 -14.63 -6.39 10.71
CA SER A 84 -13.31 -6.96 10.54
C SER A 84 -12.64 -7.34 11.85
N ARG A 85 -12.64 -6.43 12.83
N ARG A 85 -12.62 -6.41 12.81
CA ARG A 85 -12.02 -6.68 14.12
CA ARG A 85 -12.07 -6.64 14.15
C ARG A 85 -12.87 -7.63 14.98
C ARG A 85 -12.88 -7.70 14.86
N GLU A 86 -14.18 -7.45 14.95
CA GLU A 86 -15.11 -8.25 15.77
C GLU A 86 -15.26 -9.68 15.33
N MET A 87 -15.00 -9.91 14.05
CA MET A 87 -14.98 -11.23 13.46
C MET A 87 -14.02 -12.13 14.24
N PHE A 88 -12.91 -11.54 14.66
CA PHE A 88 -11.79 -12.26 15.25
C PHE A 88 -11.73 -12.10 16.78
N ASN A 89 -12.80 -11.59 17.36
CA ASN A 89 -12.88 -11.42 18.81
C ASN A 89 -12.94 -12.78 19.50
N PRO A 90 -12.01 -13.05 20.43
CA PRO A 90 -11.93 -14.37 21.07
C PRO A 90 -13.21 -14.74 21.79
N MET A 91 -14.01 -13.74 22.14
CA MET A 91 -15.24 -13.91 22.92
C MET A 91 -16.27 -14.78 22.20
N TYR A 92 -16.26 -14.72 20.86
CA TYR A 92 -17.19 -15.49 20.04
C TYR A 92 -16.66 -16.89 19.75
N ALA A 93 -15.34 -17.03 19.91
CA ALA A 93 -14.64 -18.31 19.81
C ALA A 93 -14.67 -18.88 18.41
N LEU A 94 -14.82 -18.01 17.42
CA LEU A 94 -14.89 -18.45 16.03
C LEU A 94 -13.51 -18.70 15.42
N PHE A 95 -12.61 -17.74 15.61
CA PHE A 95 -11.28 -17.78 14.99
C PHE A 95 -10.18 -17.80 16.02
N ARG A 96 -9.08 -18.45 15.68
CA ARG A 96 -7.98 -18.68 16.59
C ARG A 96 -6.69 -18.36 15.86
N THR A 97 -5.70 -17.80 16.56
CA THR A 97 -4.43 -17.45 15.90
C THR A 97 -3.58 -18.67 15.57
N SER A 98 -2.81 -18.56 14.49
CA SER A 98 -1.73 -19.52 14.21
C SER A 98 -0.69 -19.45 15.33
N PRO A 99 -0.37 -20.60 15.97
CA PRO A 99 0.66 -20.59 17.01
C PRO A 99 2.05 -20.34 16.42
N GLY A 100 2.22 -20.62 15.14
CA GLY A 100 3.50 -20.39 14.50
C GLY A 100 3.65 -18.96 14.04
N ASP A 101 2.57 -18.41 13.49
CA ASP A 101 2.63 -17.08 12.85
C ASP A 101 1.96 -15.96 13.65
N ARG A 102 1.25 -16.35 14.71
CA ARG A 102 0.70 -15.43 15.74
C ARG A 102 -0.27 -14.39 15.22
N VAL A 103 -0.12 -14.00 13.97
CA VAL A 103 -0.81 -12.85 13.43
C VAL A 103 -1.97 -13.30 12.54
N THR A 104 -1.94 -14.58 12.14
CA THR A 104 -2.90 -15.15 11.20
C THR A 104 -3.98 -16.01 11.89
N TYR A 105 -5.13 -16.21 11.22
CA TYR A 105 -6.28 -16.91 11.81
C TYR A 105 -6.83 -18.09 10.99
N THR A 106 -7.32 -19.13 11.69
CA THR A 106 -8.22 -20.15 11.13
C THR A 106 -9.41 -20.37 12.05
N ILE A 107 -10.27 -21.29 11.66
CA ILE A 107 -11.41 -21.71 12.47
C ILE A 107 -10.93 -22.34 13.77
N ASN A 108 -11.53 -21.90 14.86
CA ASN A 108 -11.24 -22.46 16.17
C ASN A 108 -12.03 -23.75 16.35
N PRO A 109 -11.32 -24.89 16.51
CA PRO A 109 -12.02 -26.15 16.71
C PRO A 109 -12.98 -26.14 17.90
N SER A 110 -12.71 -25.29 18.89
CA SER A 110 -13.55 -25.20 20.08
C SER A 110 -14.71 -24.21 19.97
N SER A 111 -15.03 -23.83 18.74
CA SER A 111 -16.15 -22.92 18.46
C SER A 111 -17.53 -23.45 18.85
N HIS A 112 -17.65 -24.75 19.07
CA HIS A 112 -18.93 -25.39 19.34
C HIS A 112 -19.54 -24.95 20.68
N CYS A 113 -18.73 -24.36 21.55
CA CYS A 113 -19.24 -23.88 22.83
C CYS A 113 -20.13 -22.64 22.64
N ASN A 114 -19.99 -21.98 21.49
CA ASN A 114 -21.02 -21.07 20.99
C ASN A 114 -22.03 -21.87 20.14
N PRO A 115 -23.25 -22.07 20.65
CA PRO A 115 -24.17 -22.99 19.94
C PRO A 115 -24.76 -22.43 18.66
N ASN A 116 -24.42 -21.19 18.33
CA ASN A 116 -24.80 -20.62 17.04
C ASN A 116 -23.63 -20.62 16.08
N HIS A 117 -22.53 -21.28 16.44
CA HIS A 117 -21.31 -21.09 15.67
C HIS A 117 -21.51 -21.41 14.21
N LEU A 118 -22.17 -22.54 13.93
CA LEU A 118 -22.43 -22.94 12.54
C LEU A 118 -23.05 -21.83 11.68
N SER A 119 -24.11 -21.17 12.16
CA SER A 119 -24.73 -20.09 11.37
C SER A 119 -23.90 -18.79 11.32
N TYR A 120 -23.18 -18.50 12.40
CA TYR A 120 -22.25 -17.37 12.40
C TYR A 120 -21.09 -17.59 11.41
N PHE A 121 -20.76 -18.85 11.15
CA PHE A 121 -19.72 -19.16 10.17
C PHE A 121 -20.19 -18.91 8.75
N LYS A 122 -21.43 -19.29 8.45
CA LYS A 122 -22.06 -18.99 7.16
C LYS A 122 -22.11 -17.48 6.94
N PHE A 123 -22.46 -16.75 8.01
CA PHE A 123 -22.58 -15.30 7.97
C PHE A 123 -21.24 -14.65 7.66
N VAL A 124 -20.21 -15.01 8.43
CA VAL A 124 -18.87 -14.47 8.24
C VAL A 124 -18.35 -14.81 6.83
N GLY A 125 -18.75 -15.98 6.33
CA GLY A 125 -18.50 -16.35 4.92
C GLY A 125 -19.16 -15.40 3.93
N ARG A 126 -20.41 -15.03 4.19
CA ARG A 126 -21.13 -14.08 3.33
C ARG A 126 -20.47 -12.71 3.37
N ILE A 127 -20.10 -12.25 4.56
CA ILE A 127 -19.47 -10.94 4.69
C ILE A 127 -18.17 -10.85 3.89
N VAL A 128 -17.24 -11.75 4.19
CA VAL A 128 -15.96 -11.80 3.48
C VAL A 128 -16.17 -11.77 1.97
N ALA A 129 -17.07 -12.63 1.48
CA ALA A 129 -17.40 -12.65 0.05
C ALA A 129 -18.13 -11.40 -0.45
N LYS A 130 -18.97 -10.78 0.37
CA LYS A 130 -19.58 -9.51 -0.04
C LYS A 130 -18.51 -8.44 -0.27
N ALA A 131 -17.63 -8.28 0.71
CA ALA A 131 -16.50 -7.36 0.60
C ALA A 131 -15.73 -7.56 -0.70
N VAL A 132 -15.27 -8.79 -0.95
CA VAL A 132 -14.53 -9.12 -2.19
C VAL A 132 -15.38 -8.78 -3.43
N TYR A 133 -16.61 -9.27 -3.44
CA TYR A 133 -17.55 -9.02 -4.51
C TYR A 133 -17.63 -7.54 -4.88
N ASP A 134 -17.69 -6.69 -3.86
CA ASP A 134 -17.85 -5.24 -4.02
C ASP A 134 -16.51 -4.50 -4.04
N ASN A 135 -15.40 -5.23 -4.14
CA ASN A 135 -14.07 -4.62 -4.12
C ASN A 135 -13.85 -3.68 -2.92
N ARG A 136 -14.34 -4.12 -1.75
CA ARG A 136 -14.06 -3.53 -0.46
C ARG A 136 -12.96 -4.35 0.22
N LEU A 137 -11.92 -3.69 0.72
CA LEU A 137 -10.81 -4.38 1.37
C LEU A 137 -11.05 -4.52 2.87
N LEU A 138 -10.84 -5.73 3.40
CA LEU A 138 -10.94 -5.99 4.83
C LEU A 138 -9.56 -6.23 5.43
N GLU A 139 -9.34 -5.72 6.64
CA GLU A 139 -8.17 -6.13 7.42
C GLU A 139 -8.44 -7.48 8.06
N CYS A 140 -8.56 -8.52 7.25
CA CYS A 140 -8.64 -9.91 7.72
C CYS A 140 -7.42 -10.64 7.22
N TYR A 141 -6.75 -11.34 8.12
CA TYR A 141 -5.54 -12.06 7.77
C TYR A 141 -5.66 -13.49 8.26
N PHE A 142 -5.82 -14.40 7.31
CA PHE A 142 -5.99 -15.83 7.62
C PHE A 142 -4.68 -16.59 7.44
N THR A 143 -4.66 -17.86 7.84
CA THR A 143 -3.53 -18.74 7.53
C THR A 143 -3.56 -19.08 6.04
N ARG A 144 -2.43 -19.48 5.47
CA ARG A 144 -2.42 -19.84 4.05
C ARG A 144 -3.21 -21.12 3.81
N SER A 145 -3.19 -22.02 4.78
CA SER A 145 -4.07 -23.18 4.75
C SER A 145 -5.55 -22.77 4.59
N PHE A 146 -5.97 -21.72 5.30
CA PHE A 146 -7.34 -21.24 5.18
C PHE A 146 -7.63 -20.68 3.77
N TYR A 147 -6.73 -19.85 3.25
CA TYR A 147 -6.86 -19.36 1.88
C TYR A 147 -6.95 -20.53 0.91
N LYS A 148 -6.10 -21.53 1.11
CA LYS A 148 -6.15 -22.78 0.33
C LYS A 148 -7.51 -23.50 0.42
N HIS A 149 -8.22 -23.32 1.54
CA HIS A 149 -9.51 -24.00 1.72
C HIS A 149 -10.59 -23.36 0.85
N ILE A 150 -10.62 -22.03 0.85
CA ILE A 150 -11.51 -21.26 -0.01
C ILE A 150 -11.28 -21.61 -1.48
N LEU A 151 -10.03 -21.91 -1.83
CA LEU A 151 -9.67 -22.21 -3.21
C LEU A 151 -9.79 -23.69 -3.56
N GLY A 152 -10.16 -24.50 -2.56
CA GLY A 152 -10.32 -25.94 -2.73
C GLY A 152 -9.02 -26.65 -2.99
N LYS A 153 -7.92 -26.06 -2.50
CA LYS A 153 -6.57 -26.58 -2.70
C LYS A 153 -6.08 -27.35 -1.47
N SER A 154 -5.40 -28.48 -1.71
CA SER A 154 -4.90 -29.34 -0.63
C SER A 154 -3.73 -28.72 0.11
N VAL A 155 -3.66 -28.96 1.41
CA VAL A 155 -2.55 -28.47 2.22
C VAL A 155 -1.33 -29.36 2.02
N ARG A 156 -0.16 -28.74 1.91
CA ARG A 156 1.09 -29.49 1.92
C ARG A 156 1.61 -29.62 3.34
N TYR A 157 2.40 -30.67 3.59
CA TYR A 157 2.93 -30.90 4.94
C TYR A 157 3.73 -29.72 5.45
N THR A 158 4.36 -28.97 4.53
CA THR A 158 5.02 -27.70 4.83
C THR A 158 4.17 -26.75 5.69
N ASP A 159 2.90 -26.58 5.32
CA ASP A 159 1.98 -25.68 6.02
C ASP A 159 1.78 -26.06 7.50
N MET A 160 2.22 -27.25 7.88
CA MET A 160 2.04 -27.75 9.25
C MET A 160 3.00 -27.18 10.29
N GLU A 161 4.14 -26.65 9.84
CA GLU A 161 5.13 -26.07 10.75
C GLU A 161 4.57 -24.98 11.68
N SER A 162 3.70 -24.12 11.15
CA SER A 162 3.16 -23.00 11.92
C SER A 162 1.81 -23.30 12.58
N GLU A 163 1.31 -24.52 12.36
CA GLU A 163 0.02 -24.92 12.90
C GLU A 163 0.18 -25.94 14.02
N ASP A 164 1.16 -26.85 13.86
CA ASP A 164 1.45 -27.88 14.84
C ASP A 164 2.91 -28.29 14.67
N TYR A 165 3.80 -27.65 15.42
CA TYR A 165 5.25 -27.81 15.23
C TYR A 165 5.72 -29.25 15.44
N HIS A 166 5.35 -29.84 16.57
CA HIS A 166 5.73 -31.22 16.92
C HIS A 166 5.31 -32.22 15.86
N PHE A 167 4.06 -32.10 15.40
CA PHE A 167 3.58 -32.99 14.37
C PHE A 167 4.32 -32.82 13.04
N TYR A 168 4.58 -31.57 12.66
CA TYR A 168 5.36 -31.28 11.47
C TYR A 168 6.74 -31.91 11.59
N GLN A 169 7.38 -31.72 12.75
CA GLN A 169 8.67 -32.36 13.02
C GLN A 169 8.58 -33.88 12.86
N GLY A 170 7.43 -34.44 13.21
CA GLY A 170 7.18 -35.87 13.08
C GLY A 170 7.15 -36.29 11.62
N LEU A 171 6.51 -35.46 10.81
CA LEU A 171 6.38 -35.70 9.38
C LEU A 171 7.73 -35.64 8.64
N VAL A 172 8.53 -34.62 8.97
CA VAL A 172 9.86 -34.45 8.41
C VAL A 172 10.73 -35.67 8.70
N TYR A 173 10.76 -36.05 9.98
CA TYR A 173 11.51 -37.24 10.40
C TYR A 173 11.15 -38.49 9.60
N LEU A 174 9.86 -38.75 9.45
CA LEU A 174 9.36 -39.87 8.65
C LEU A 174 9.81 -39.79 7.18
N LEU A 175 9.77 -38.59 6.61
CA LEU A 175 10.16 -38.36 5.22
C LEU A 175 11.65 -38.59 4.94
N GLU A 176 12.49 -38.28 5.92
CA GLU A 176 13.94 -38.33 5.73
C GLU A 176 14.55 -39.63 6.23
N ASN A 177 13.72 -40.55 6.70
CA ASN A 177 14.20 -41.79 7.30
C ASN A 177 13.51 -43.01 6.73
N ASP A 178 14.18 -44.15 6.79
CA ASP A 178 13.57 -45.43 6.41
C ASP A 178 12.56 -45.85 7.46
N VAL A 179 11.48 -46.48 7.00
CA VAL A 179 10.29 -46.78 7.80
C VAL A 179 10.50 -47.77 8.95
N SER A 180 11.45 -48.67 8.78
CA SER A 180 11.82 -49.63 9.83
C SER A 180 12.94 -49.09 10.71
N THR A 181 13.60 -48.03 10.22
CA THR A 181 14.57 -47.26 11.01
C THR A 181 13.88 -46.49 12.14
N LEU A 182 12.59 -46.21 11.98
CA LEU A 182 11.78 -45.52 12.99
C LEU A 182 11.80 -46.19 14.37
N GLY A 183 11.74 -47.52 14.37
CA GLY A 183 11.69 -48.30 15.61
C GLY A 183 10.26 -48.61 16.03
N TYR A 184 9.35 -47.77 15.57
CA TYR A 184 7.91 -47.95 15.71
C TYR A 184 7.34 -47.91 14.28
N ASP A 185 6.08 -48.32 14.14
CA ASP A 185 5.43 -48.30 12.84
C ASP A 185 4.06 -47.61 12.90
N LEU A 186 3.81 -46.75 11.92
CA LEU A 186 2.62 -45.90 11.86
C LEU A 186 1.49 -46.55 11.06
N THR A 187 0.30 -45.95 11.16
CA THR A 187 -0.91 -46.49 10.60
C THR A 187 -1.69 -45.43 9.82
N PHE A 188 -2.55 -45.85 8.90
CA PHE A 188 -3.40 -44.92 8.17
C PHE A 188 -4.58 -44.37 8.99
N SER A 189 -4.23 -43.74 10.12
CA SER A 189 -5.20 -43.14 11.04
C SER A 189 -4.54 -42.15 12.02
N THR A 190 -5.32 -41.18 12.50
CA THR A 190 -4.89 -40.21 13.52
C THR A 190 -6.03 -39.86 14.48
N GLU A 191 -5.67 -39.25 15.62
CA GLU A 191 -6.65 -38.73 16.57
C GLU A 191 -7.20 -37.39 16.09
N VAL A 192 -8.50 -37.18 16.28
CA VAL A 192 -9.15 -35.92 15.90
C VAL A 192 -10.11 -35.54 17.03
N GLN A 193 -10.04 -34.30 17.50
CA GLN A 193 -10.98 -33.82 18.52
C GLN A 193 -11.98 -32.82 17.95
N GLU A 194 -13.04 -33.37 17.37
CA GLU A 194 -14.13 -32.59 16.81
C GLU A 194 -15.21 -32.43 17.88
N PHE A 195 -15.78 -31.22 17.94
CA PHE A 195 -16.86 -30.89 18.88
C PHE A 195 -16.60 -31.36 20.31
N GLY A 196 -15.33 -31.33 20.71
CA GLY A 196 -14.91 -31.81 22.03
C GLY A 196 -14.62 -33.30 22.12
N VAL A 197 -15.14 -34.08 21.18
CA VAL A 197 -15.05 -35.54 21.24
C VAL A 197 -13.82 -36.08 20.50
N CYS A 198 -13.07 -36.92 21.18
CA CYS A 198 -11.88 -37.55 20.63
C CYS A 198 -12.19 -38.86 19.93
N GLU A 199 -11.68 -39.01 18.71
CA GLU A 199 -11.82 -40.24 17.95
C GLU A 199 -10.54 -40.50 17.20
N VAL A 200 -10.32 -41.76 16.85
CA VAL A 200 -9.28 -42.08 15.90
C VAL A 200 -9.95 -42.38 14.57
N ARG A 201 -9.75 -41.48 13.60
CA ARG A 201 -10.36 -41.57 12.27
C ARG A 201 -9.42 -42.28 11.33
N ASP A 202 -9.95 -43.14 10.48
CA ASP A 202 -9.18 -43.73 9.39
C ASP A 202 -8.89 -42.70 8.30
N LEU A 203 -7.77 -42.87 7.60
CA LEU A 203 -7.43 -41.98 6.51
C LEU A 203 -7.93 -42.56 5.21
N LYS A 204 -8.29 -43.85 5.25
CA LYS A 204 -8.87 -44.58 4.13
C LYS A 204 -9.49 -45.88 4.67
N PRO A 205 -10.33 -46.57 3.87
CA PRO A 205 -10.95 -47.81 4.35
C PRO A 205 -9.95 -48.74 5.03
N ASN A 206 -10.31 -49.21 6.22
CA ASN A 206 -9.48 -50.12 7.02
C ASN A 206 -8.17 -49.49 7.46
N GLY A 207 -8.11 -48.17 7.37
CA GLY A 207 -6.89 -47.42 7.60
C GLY A 207 -6.13 -47.85 8.83
N ALA A 208 -6.84 -48.06 9.93
CA ALA A 208 -6.20 -48.40 11.21
C ALA A 208 -5.44 -49.72 11.16
N ASN A 209 -5.76 -50.56 10.17
CA ASN A 209 -5.07 -51.83 10.00
C ASN A 209 -4.08 -51.87 8.83
N ILE A 210 -3.73 -50.70 8.32
CA ILE A 210 -2.80 -50.58 7.21
C ILE A 210 -1.55 -49.82 7.64
N LEU A 211 -0.43 -50.54 7.72
CA LEU A 211 0.86 -49.97 8.14
C LEU A 211 1.46 -49.04 7.08
N VAL A 212 2.12 -47.98 7.53
CA VAL A 212 2.85 -47.09 6.63
C VAL A 212 4.16 -47.76 6.19
N THR A 213 4.47 -47.65 4.91
CA THR A 213 5.70 -48.22 4.38
C THR A 213 6.49 -47.18 3.60
N GLU A 214 7.68 -47.55 3.15
CA GLU A 214 8.55 -46.65 2.39
C GLU A 214 7.87 -46.10 1.13
N GLU A 215 7.01 -46.89 0.51
CA GLU A 215 6.23 -46.41 -0.65
C GLU A 215 4.81 -45.97 -0.29
N ASN A 216 4.39 -46.22 0.95
CA ASN A 216 3.15 -45.65 1.49
C ASN A 216 3.30 -44.18 1.84
N LYS A 217 4.45 -43.88 2.43
CA LYS A 217 4.65 -42.70 3.29
C LYS A 217 4.29 -41.34 2.69
N LYS A 218 4.38 -41.20 1.37
CA LYS A 218 3.99 -39.95 0.73
C LYS A 218 2.46 -39.75 0.75
N GLU A 219 1.74 -40.80 0.35
CA GLU A 219 0.28 -40.82 0.39
C GLU A 219 -0.19 -40.67 1.84
N TYR A 220 0.49 -41.35 2.76
CA TYR A 220 0.18 -41.22 4.17
C TYR A 220 0.28 -39.76 4.63
N VAL A 221 1.39 -39.11 4.26
CA VAL A 221 1.65 -37.72 4.66
C VAL A 221 0.60 -36.79 4.05
N HIS A 222 0.25 -37.05 2.81
CA HIS A 222 -0.79 -36.27 2.16
C HIS A 222 -2.12 -36.41 2.90
N LEU A 223 -2.56 -37.65 3.08
CA LEU A 223 -3.84 -37.92 3.74
C LEU A 223 -3.91 -37.36 5.17
N VAL A 224 -2.84 -37.55 5.94
CA VAL A 224 -2.86 -37.18 7.35
C VAL A 224 -2.90 -35.66 7.55
N CYS A 225 -2.32 -34.90 6.62
CA CYS A 225 -2.34 -33.43 6.73
C CYS A 225 -3.71 -32.86 6.52
N GLN A 226 -4.40 -33.35 5.49
CA GLN A 226 -5.76 -32.96 5.19
C GLN A 226 -6.62 -33.21 6.42
N MET A 227 -6.53 -34.43 6.93
CA MET A 227 -7.29 -34.87 8.10
C MET A 227 -7.00 -34.02 9.33
N ARG A 228 -5.72 -33.81 9.60
CA ARG A 228 -5.25 -33.06 10.75
C ARG A 228 -5.71 -31.61 10.70
N MET A 229 -5.70 -31.05 9.49
CA MET A 229 -5.96 -29.63 9.29
C MET A 229 -7.47 -29.30 9.25
N THR A 230 -8.29 -30.25 8.75
CA THR A 230 -9.74 -30.03 8.58
C THR A 230 -10.67 -30.97 9.37
N GLY A 231 -10.09 -31.94 10.06
CA GLY A 231 -10.88 -32.98 10.74
C GLY A 231 -11.77 -32.43 11.84
N ALA A 232 -11.23 -31.52 12.65
CA ALA A 232 -11.99 -30.94 13.76
C ALA A 232 -12.89 -29.81 13.29
N ILE A 233 -12.58 -29.33 12.09
N ILE A 233 -12.58 -29.25 12.12
CA ILE A 233 -13.11 -28.10 11.52
CA ILE A 233 -13.29 -28.07 11.64
C ILE A 233 -14.24 -28.33 10.54
C ILE A 233 -14.05 -28.29 10.33
N ARG A 234 -14.34 -29.55 10.00
CA ARG A 234 -15.26 -29.90 8.89
C ARG A 234 -16.50 -29.01 8.74
N LYS A 235 -17.31 -29.03 9.79
CA LYS A 235 -18.65 -28.51 9.76
C LYS A 235 -18.62 -27.00 9.69
N GLN A 236 -17.65 -26.41 10.39
CA GLN A 236 -17.45 -24.96 10.41
C GLN A 236 -16.99 -24.47 9.04
N LEU A 237 -16.03 -25.17 8.46
CA LEU A 237 -15.52 -24.85 7.13
C LEU A 237 -16.61 -24.95 6.06
N ALA A 238 -17.31 -26.08 6.04
CA ALA A 238 -18.46 -26.25 5.16
C ALA A 238 -19.39 -25.03 5.25
N ALA A 239 -19.69 -24.60 6.48
CA ALA A 239 -20.59 -23.48 6.70
C ALA A 239 -19.98 -22.18 6.16
N PHE A 240 -18.69 -21.97 6.43
CA PHE A 240 -18.00 -20.80 5.91
C PHE A 240 -18.05 -20.82 4.38
N LEU A 241 -17.57 -21.93 3.82
CA LEU A 241 -17.57 -22.17 2.38
C LEU A 241 -18.97 -22.03 1.75
N GLU A 242 -20.02 -22.47 2.46
CA GLU A 242 -21.39 -22.26 2.03
C GLU A 242 -21.69 -20.77 1.84
N GLY A 243 -21.44 -19.97 2.88
CA GLY A 243 -21.68 -18.54 2.82
C GLY A 243 -20.91 -17.88 1.70
N PHE A 244 -19.61 -18.16 1.63
CA PHE A 244 -18.72 -17.58 0.61
C PHE A 244 -19.14 -17.92 -0.84
N TYR A 245 -19.33 -19.21 -1.10
CA TYR A 245 -19.63 -19.68 -2.47
C TYR A 245 -20.99 -19.22 -2.97
N GLU A 246 -21.91 -18.93 -2.07
CA GLU A 246 -23.19 -18.35 -2.45
C GLU A 246 -23.07 -16.95 -3.07
N ILE A 247 -22.05 -16.18 -2.67
CA ILE A 247 -21.76 -14.91 -3.33
C ILE A 247 -20.76 -15.07 -4.49
N ILE A 248 -19.57 -15.59 -4.23
CA ILE A 248 -18.59 -15.83 -5.30
C ILE A 248 -18.52 -17.33 -5.55
N PRO A 249 -18.99 -17.80 -6.72
CA PRO A 249 -18.94 -19.26 -6.97
C PRO A 249 -17.52 -19.81 -6.91
N LYS A 250 -17.40 -21.07 -6.48
CA LYS A 250 -16.09 -21.69 -6.26
C LYS A 250 -15.23 -21.71 -7.52
N ARG A 251 -15.85 -21.99 -8.67
CA ARG A 251 -15.11 -22.03 -9.94
C ARG A 251 -14.49 -20.67 -10.28
N LEU A 252 -15.16 -19.59 -9.92
CA LEU A 252 -14.64 -18.25 -10.16
C LEU A 252 -13.46 -17.91 -9.27
N ILE A 253 -13.62 -18.11 -7.96
CA ILE A 253 -12.57 -17.75 -6.99
C ILE A 253 -11.29 -18.60 -7.16
N SER A 254 -11.49 -19.86 -7.56
CA SER A 254 -10.42 -20.81 -7.83
C SER A 254 -9.43 -20.39 -8.92
N ILE A 255 -9.71 -19.30 -9.62
CA ILE A 255 -8.73 -18.76 -10.57
C ILE A 255 -7.45 -18.26 -9.85
N PHE A 256 -7.59 -17.90 -8.58
CA PHE A 256 -6.48 -17.31 -7.86
C PHE A 256 -5.66 -18.35 -7.12
N THR A 257 -4.38 -18.04 -6.93
CA THR A 257 -3.53 -18.78 -6.01
C THR A 257 -3.84 -18.32 -4.59
N GLU A 258 -3.30 -19.01 -3.59
CA GLU A 258 -3.52 -18.63 -2.18
C GLU A 258 -2.93 -17.26 -1.81
N GLN A 259 -1.78 -16.94 -2.37
CA GLN A 259 -1.15 -15.64 -2.16
C GLN A 259 -1.99 -14.53 -2.76
N GLU A 260 -2.44 -14.77 -3.99
CA GLU A 260 -3.25 -13.82 -4.70
C GLU A 260 -4.53 -13.55 -3.95
N LEU A 261 -5.19 -14.62 -3.48
CA LEU A 261 -6.47 -14.51 -2.79
C LEU A 261 -6.36 -13.59 -1.58
N GLU A 262 -5.30 -13.77 -0.81
CA GLU A 262 -5.07 -12.95 0.36
C GLU A 262 -4.95 -11.49 -0.02
N LEU A 263 -4.17 -11.21 -1.05
CA LEU A 263 -3.92 -9.84 -1.52
C LEU A 263 -5.20 -9.22 -2.04
N LEU A 264 -6.09 -10.05 -2.55
CA LEU A 264 -7.37 -9.58 -3.04
C LEU A 264 -8.30 -9.09 -1.92
N ILE A 265 -8.28 -9.79 -0.78
CA ILE A 265 -9.17 -9.46 0.34
C ILE A 265 -8.65 -8.25 1.11
N SER A 266 -7.39 -8.33 1.54
CA SER A 266 -6.83 -7.26 2.38
C SER A 266 -6.02 -6.23 1.60
N GLY A 267 -5.67 -6.56 0.34
CA GLY A 267 -4.93 -5.65 -0.51
C GLY A 267 -3.43 -5.82 -0.40
N LEU A 268 -2.70 -5.12 -1.26
CA LEU A 268 -1.24 -5.18 -1.28
C LEU A 268 -0.62 -4.42 -0.11
N PRO A 269 0.29 -5.08 0.64
CA PRO A 269 1.02 -4.42 1.73
C PRO A 269 2.15 -3.54 1.22
N THR A 270 2.54 -2.56 2.03
CA THR A 270 3.67 -1.71 1.69
C THR A 270 4.90 -2.23 2.45
N ILE A 271 6.00 -2.47 1.73
CA ILE A 271 7.25 -2.90 2.36
C ILE A 271 8.31 -1.81 2.28
N ASP A 272 8.45 -1.05 3.36
CA ASP A 272 9.54 -0.09 3.53
C ASP A 272 10.82 -0.89 3.70
N ILE A 273 11.70 -0.87 2.71
CA ILE A 273 12.87 -1.77 2.79
C ILE A 273 13.92 -1.27 3.78
N ASP A 274 13.99 0.04 4.01
CA ASP A 274 14.86 0.56 5.07
C ASP A 274 14.39 0.05 6.44
N ASP A 275 13.07 0.02 6.64
CA ASP A 275 12.53 -0.51 7.88
C ASP A 275 12.88 -1.99 8.05
N LEU A 276 12.59 -2.80 7.03
CA LEU A 276 12.89 -4.23 7.10
C LEU A 276 14.38 -4.47 7.31
N LYS A 277 15.21 -3.80 6.51
CA LYS A 277 16.67 -3.92 6.63
C LYS A 277 17.17 -3.54 8.01
N SER A 278 16.60 -2.48 8.58
CA SER A 278 16.96 -2.03 9.91
C SER A 278 16.50 -3.01 10.99
N ASN A 279 15.75 -4.04 10.59
CA ASN A 279 15.18 -4.97 11.55
C ASN A 279 15.40 -6.43 11.17
N THR A 280 16.62 -6.70 10.69
CA THR A 280 16.96 -8.02 10.15
C THR A 280 18.07 -8.66 10.97
N GLU A 281 17.97 -9.98 11.16
CA GLU A 281 19.05 -10.71 11.84
C GLU A 281 19.80 -11.61 10.87
N TYR A 282 21.04 -11.93 11.22
CA TYR A 282 21.87 -12.83 10.42
C TYR A 282 22.47 -13.95 11.23
N HIS A 283 22.46 -15.14 10.65
CA HIS A 283 23.12 -16.30 11.22
C HIS A 283 24.02 -16.90 10.15
N LYS A 284 25.30 -17.11 10.52
CA LYS A 284 26.35 -17.52 9.57
C LYS A 284 26.77 -16.40 8.62
N TYR A 285 25.81 -15.73 7.98
CA TYR A 285 26.12 -14.55 7.19
C TYR A 285 26.42 -13.39 8.11
N GLN A 286 26.88 -12.29 7.52
CA GLN A 286 27.13 -11.04 8.21
C GLN A 286 26.29 -10.02 7.46
N SER A 287 26.20 -8.79 7.96
CA SER A 287 25.52 -7.73 7.20
C SER A 287 26.17 -7.63 5.83
N ASN A 288 27.50 -7.75 5.80
CA ASN A 288 28.25 -7.53 4.56
C ASN A 288 28.74 -8.77 3.78
N SER A 289 28.23 -9.96 4.09
CA SER A 289 28.46 -11.11 3.22
C SER A 289 27.89 -10.78 1.84
N ILE A 290 28.58 -11.23 0.80
CA ILE A 290 28.23 -10.83 -0.56
C ILE A 290 26.77 -11.14 -0.96
N GLN A 291 26.26 -12.32 -0.60
CA GLN A 291 24.87 -12.63 -0.96
C GLN A 291 23.79 -11.95 -0.09
N ILE A 292 24.19 -11.34 1.02
CA ILE A 292 23.29 -10.45 1.76
C ILE A 292 23.14 -9.15 0.96
N GLN A 293 24.27 -8.55 0.56
CA GLN A 293 24.25 -7.34 -0.27
C GLN A 293 23.45 -7.58 -1.54
N TRP A 294 23.69 -8.74 -2.13
CA TRP A 294 22.95 -9.18 -3.28
C TRP A 294 21.46 -9.34 -2.98
N PHE A 295 21.14 -9.84 -1.77
CA PHE A 295 19.74 -9.97 -1.35
C PHE A 295 19.02 -8.64 -1.33
N TRP A 296 19.61 -7.66 -0.65
CA TRP A 296 18.98 -6.34 -0.54
C TRP A 296 18.81 -5.73 -1.91
N ARG A 297 19.87 -5.81 -2.72
CA ARG A 297 19.83 -5.31 -4.08
C ARG A 297 18.67 -5.98 -4.84
N ALA A 298 18.55 -7.30 -4.67
CA ALA A 298 17.51 -8.08 -5.31
C ALA A 298 16.13 -7.63 -4.86
N LEU A 299 15.86 -7.71 -3.56
CA LEU A 299 14.56 -7.33 -3.02
C LEU A 299 14.11 -5.95 -3.47
N ARG A 300 15.03 -4.98 -3.46
CA ARG A 300 14.73 -3.62 -3.91
C ARG A 300 14.35 -3.56 -5.40
N SER A 301 14.88 -4.46 -6.21
CA SER A 301 14.53 -4.53 -7.64
C SER A 301 13.13 -5.13 -7.89
N PHE A 302 12.47 -5.63 -6.84
CA PHE A 302 11.15 -6.24 -7.01
C PHE A 302 10.10 -5.17 -7.05
N ASP A 303 9.17 -5.29 -7.99
CA ASP A 303 7.99 -4.45 -7.97
C ASP A 303 7.26 -4.82 -6.70
N GLN A 304 6.17 -4.14 -6.38
CA GLN A 304 5.60 -4.38 -5.07
C GLN A 304 4.81 -5.70 -4.98
N ALA A 305 4.39 -6.22 -6.14
CA ALA A 305 3.77 -7.53 -6.24
C ALA A 305 4.71 -8.57 -5.67
N ASP A 306 5.92 -8.59 -6.19
CA ASP A 306 6.92 -9.56 -5.78
C ASP A 306 7.42 -9.33 -4.36
N ARG A 307 7.50 -8.07 -3.95
CA ARG A 307 7.83 -7.74 -2.56
C ARG A 307 6.80 -8.30 -1.58
N ALA A 308 5.52 -8.09 -1.89
CA ALA A 308 4.42 -8.63 -1.09
C ALA A 308 4.48 -10.17 -1.02
N LYS A 309 4.74 -10.81 -2.16
CA LYS A 309 4.83 -12.26 -2.21
C LYS A 309 6.03 -12.77 -1.45
N PHE A 310 7.11 -11.98 -1.42
CA PHE A 310 8.29 -12.38 -0.66
C PHE A 310 7.96 -12.36 0.80
N LEU A 311 7.24 -11.32 1.20
CA LEU A 311 6.80 -11.20 2.59
C LEU A 311 5.95 -12.41 2.98
N GLN A 312 5.01 -12.78 2.12
CA GLN A 312 4.16 -13.95 2.36
C GLN A 312 4.99 -15.23 2.52
N PHE A 313 6.04 -15.33 1.71
CA PHE A 313 6.94 -16.48 1.65
C PHE A 313 7.70 -16.67 2.95
N VAL A 314 8.28 -15.59 3.45
CA VAL A 314 9.21 -15.64 4.56
C VAL A 314 8.49 -15.49 5.92
N THR A 315 7.30 -14.91 5.86
CA THR A 315 6.59 -14.49 7.04
C THR A 315 5.32 -15.30 7.31
N GLY A 316 4.68 -15.80 6.24
CA GLY A 316 3.42 -16.54 6.40
C GLY A 316 2.18 -15.67 6.28
N THR A 317 2.39 -14.38 6.01
CA THR A 317 1.31 -13.40 5.85
C THR A 317 1.76 -12.19 5.02
N SER A 318 0.80 -11.45 4.49
CA SER A 318 1.11 -10.16 3.85
C SER A 318 1.06 -9.00 4.84
N LYS A 319 0.60 -9.27 6.07
CA LYS A 319 0.43 -8.23 7.10
C LYS A 319 1.74 -7.65 7.63
N VAL A 320 1.95 -6.37 7.38
CA VAL A 320 3.02 -5.61 8.00
C VAL A 320 2.48 -5.11 9.35
N PRO A 321 3.23 -5.29 10.45
CA PRO A 321 2.80 -4.84 11.77
C PRO A 321 2.58 -3.33 11.85
N LEU A 322 1.58 -2.89 12.62
CA LEU A 322 1.33 -1.45 12.79
C LEU A 322 2.56 -0.70 13.29
N GLN A 323 3.40 -1.38 14.07
CA GLN A 323 4.57 -0.73 14.66
C GLN A 323 5.85 -0.92 13.84
N GLY A 324 5.72 -1.54 12.66
CA GLY A 324 6.87 -1.81 11.79
C GLY A 324 7.50 -3.15 12.08
N PHE A 325 8.61 -3.45 11.37
CA PHE A 325 9.22 -4.78 11.45
C PHE A 325 9.99 -5.08 12.73
N ALA A 326 10.12 -4.08 13.60
CA ALA A 326 10.67 -4.28 14.94
C ALA A 326 9.64 -4.99 15.79
N ALA A 327 8.40 -4.99 15.30
CA ALA A 327 7.27 -5.61 15.98
C ALA A 327 6.91 -6.96 15.36
N LEU A 328 7.73 -7.43 14.42
CA LEU A 328 7.52 -8.72 13.79
C LEU A 328 7.52 -9.86 14.81
N GLU A 329 6.52 -10.74 14.67
CA GLU A 329 6.30 -11.81 15.63
C GLU A 329 6.48 -13.18 14.99
N GLY A 330 6.89 -14.13 15.84
CA GLY A 330 7.03 -15.53 15.46
C GLY A 330 6.60 -16.47 16.57
N MET A 331 6.73 -17.77 16.31
CA MET A 331 6.35 -18.81 17.24
C MET A 331 6.85 -18.55 18.67
N ASN A 332 8.10 -18.12 18.80
CA ASN A 332 8.68 -17.92 20.14
C ASN A 332 8.48 -16.50 20.68
N GLY A 333 7.62 -15.72 20.03
CA GLY A 333 7.32 -14.36 20.46
C GLY A 333 7.77 -13.32 19.45
N ILE A 334 8.41 -12.28 19.95
CA ILE A 334 8.94 -11.23 19.10
C ILE A 334 10.11 -11.80 18.28
N GLN A 335 9.97 -11.81 16.96
CA GLN A 335 11.00 -12.41 16.10
C GLN A 335 11.22 -11.64 14.80
N LYS A 336 12.40 -11.02 14.71
CA LYS A 336 12.76 -10.23 13.55
C LYS A 336 13.01 -11.14 12.37
N PHE A 337 12.79 -10.61 11.18
CA PHE A 337 13.19 -11.30 9.97
C PHE A 337 14.68 -11.66 10.08
N GLN A 338 15.00 -12.91 9.71
CA GLN A 338 16.37 -13.39 9.82
C GLN A 338 16.80 -14.24 8.61
N ILE A 339 18.06 -14.10 8.20
CA ILE A 339 18.61 -14.84 7.05
C ILE A 339 19.79 -15.73 7.49
N HIS A 340 19.73 -17.02 7.13
CA HIS A 340 20.81 -17.98 7.38
C HIS A 340 21.43 -18.45 6.07
N ARG A 341 22.71 -18.80 6.10
CA ARG A 341 23.32 -19.52 4.99
C ARG A 341 23.10 -21.00 5.26
N ASP A 342 22.47 -21.71 4.34
CA ASP A 342 22.12 -23.11 4.65
C ASP A 342 23.27 -24.12 4.47
N ASP A 343 24.08 -23.91 3.44
CA ASP A 343 25.30 -24.70 3.15
C ASP A 343 25.09 -25.94 2.29
N ARG A 344 23.83 -26.29 2.00
CA ARG A 344 23.58 -27.35 1.02
C ARG A 344 23.86 -26.84 -0.39
N SER A 345 23.80 -27.75 -1.37
CA SER A 345 24.21 -27.40 -2.74
C SER A 345 23.48 -26.17 -3.32
N THR A 346 24.16 -25.52 -4.26
CA THR A 346 23.78 -24.22 -4.77
C THR A 346 22.64 -24.26 -5.79
N ASP A 347 22.27 -25.47 -6.22
CA ASP A 347 21.12 -25.65 -7.11
C ASP A 347 19.76 -25.81 -6.39
N ARG A 348 19.75 -25.48 -5.10
N ARG A 348 19.73 -25.48 -5.11
CA ARG A 348 18.52 -25.40 -4.33
CA ARG A 348 18.48 -25.44 -4.35
C ARG A 348 17.88 -24.04 -4.60
C ARG A 348 17.90 -24.04 -4.39
N LEU A 349 16.56 -23.95 -4.41
CA LEU A 349 15.87 -22.67 -4.28
C LEU A 349 16.05 -22.23 -2.83
N PRO A 350 15.83 -20.94 -2.54
CA PRO A 350 15.84 -20.65 -1.12
C PRO A 350 14.55 -21.17 -0.48
N SER A 351 14.65 -21.53 0.80
CA SER A 351 13.49 -22.00 1.53
C SER A 351 13.22 -21.13 2.78
N ALA A 352 11.97 -21.12 3.20
CA ALA A 352 11.56 -20.35 4.38
C ALA A 352 11.00 -21.24 5.47
N HIS A 353 11.09 -20.74 6.70
CA HIS A 353 10.39 -21.33 7.84
C HIS A 353 9.65 -20.21 8.55
N THR A 354 8.40 -19.99 8.15
CA THR A 354 7.68 -18.76 8.46
C THR A 354 7.51 -18.46 9.95
N CYS A 355 7.43 -19.52 10.77
CA CYS A 355 7.20 -19.37 12.21
C CYS A 355 8.40 -18.76 12.94
N PHE A 356 9.56 -18.81 12.30
CA PHE A 356 10.74 -18.09 12.79
C PHE A 356 11.09 -16.85 11.94
N ASN A 357 10.14 -16.48 11.07
CA ASN A 357 10.33 -15.40 10.09
C ASN A 357 11.70 -15.50 9.43
N GLN A 358 12.00 -16.69 8.89
CA GLN A 358 13.35 -17.05 8.54
C GLN A 358 13.57 -17.46 7.07
N LEU A 359 14.58 -16.85 6.45
CA LEU A 359 15.00 -17.19 5.09
C LEU A 359 16.29 -18.01 5.13
N ASP A 360 16.24 -19.21 4.54
CA ASP A 360 17.45 -20.01 4.32
C ASP A 360 17.98 -19.77 2.91
N LEU A 361 19.10 -19.04 2.83
CA LEU A 361 19.64 -18.59 1.55
C LEU A 361 21.01 -19.21 1.27
N PRO A 362 21.08 -20.08 0.24
CA PRO A 362 22.30 -20.76 -0.19
C PRO A 362 23.34 -19.81 -0.76
N ALA A 363 24.61 -20.15 -0.61
CA ALA A 363 25.70 -19.27 -1.02
C ALA A 363 25.85 -19.19 -2.54
N TYR A 364 24.91 -18.51 -3.19
CA TYR A 364 24.91 -18.39 -4.65
C TYR A 364 26.18 -17.70 -5.20
N GLU A 365 26.58 -18.11 -6.39
CA GLU A 365 27.84 -17.70 -6.98
C GLU A 365 27.78 -16.30 -7.58
N SER A 366 26.57 -15.83 -7.89
CA SER A 366 26.39 -14.54 -8.55
C SER A 366 25.06 -13.88 -8.18
N PHE A 367 25.02 -12.55 -8.31
CA PHE A 367 23.81 -11.76 -8.08
C PHE A 367 22.65 -12.26 -8.94
N GLU A 368 22.82 -12.16 -10.26
N GLU A 368 22.81 -12.17 -10.27
CA GLU A 368 21.78 -12.58 -11.22
CA GLU A 368 21.75 -12.58 -11.20
C GLU A 368 21.18 -13.95 -10.91
C GLU A 368 21.18 -13.96 -10.90
N LYS A 369 22.04 -14.88 -10.45
CA LYS A 369 21.59 -16.22 -10.04
C LYS A 369 20.70 -16.12 -8.79
N LEU A 370 21.17 -15.40 -7.78
CA LEU A 370 20.42 -15.23 -6.53
C LEU A 370 19.06 -14.63 -6.82
N ARG A 371 19.05 -13.47 -7.49
CA ARG A 371 17.81 -12.79 -7.86
C ARG A 371 16.85 -13.77 -8.53
N HIS A 372 17.31 -14.41 -9.59
CA HIS A 372 16.50 -15.35 -10.34
C HIS A 372 15.97 -16.46 -9.44
N MET A 373 16.81 -16.91 -8.51
CA MET A 373 16.46 -18.06 -7.67
C MET A 373 15.50 -17.72 -6.54
N LEU A 374 15.64 -16.51 -6.00
CA LEU A 374 14.73 -16.00 -4.98
C LEU A 374 13.32 -15.87 -5.56
N LEU A 375 13.20 -15.17 -6.69
CA LEU A 375 11.93 -15.01 -7.39
C LEU A 375 11.18 -16.31 -7.64
N LEU A 376 11.90 -17.35 -8.04
CA LEU A 376 11.31 -18.67 -8.25
C LEU A 376 10.66 -19.15 -6.97
N ALA A 377 11.39 -19.06 -5.86
CA ALA A 377 10.92 -19.50 -4.56
C ALA A 377 9.65 -18.77 -4.09
N ILE A 378 9.41 -17.60 -4.66
CA ILE A 378 8.37 -16.67 -4.21
C ILE A 378 6.96 -17.05 -4.70
N GLN A 379 6.87 -18.03 -5.59
CA GLN A 379 5.59 -18.38 -6.22
C GLN A 379 5.25 -19.88 -6.21
N GLU A 380 6.08 -20.68 -6.87
CA GLU A 380 5.85 -22.13 -6.92
C GLU A 380 6.75 -22.90 -5.95
N GLY B 10 11.59 -0.26 -17.42
CA GLY B 10 12.39 -0.57 -16.21
C GLY B 10 13.20 0.62 -15.70
N ARG B 11 12.50 1.71 -15.38
CA ARG B 11 13.12 2.95 -14.93
C ARG B 11 13.66 2.87 -13.51
N GLU B 12 12.86 2.28 -12.62
CA GLU B 12 13.19 2.15 -11.20
C GLU B 12 14.55 1.47 -10.99
N ASN B 13 14.75 0.32 -11.65
CA ASN B 13 16.00 -0.45 -11.54
C ASN B 13 17.20 0.24 -12.18
N LEU B 14 16.97 0.94 -13.29
CA LEU B 14 18.01 1.73 -13.96
C LEU B 14 18.55 2.84 -13.04
N TYR B 15 17.67 3.34 -12.18
CA TYR B 15 18.02 4.33 -11.17
C TYR B 15 18.69 3.70 -9.94
N PHE B 16 18.25 2.49 -9.58
CA PHE B 16 18.81 1.79 -8.42
C PHE B 16 20.23 1.30 -8.69
N GLN B 17 20.46 0.87 -9.93
CA GLN B 17 21.80 0.50 -10.42
C GLN B 17 22.81 1.66 -10.34
N GLY B 18 22.41 2.83 -10.82
CA GLY B 18 23.25 4.04 -10.81
C GLY B 18 23.61 4.50 -9.41
N LEU B 19 22.71 4.27 -8.45
CA LEU B 19 22.97 4.48 -7.03
C LEU B 19 23.97 3.47 -6.48
N GLU B 20 23.78 2.21 -6.82
CA GLU B 20 24.62 1.11 -6.37
C GLU B 20 26.10 1.35 -6.70
N ARG B 21 26.37 1.81 -7.92
CA ARG B 21 27.74 2.12 -8.38
C ARG B 21 28.34 3.34 -7.67
N LEU B 22 27.48 4.26 -7.24
CA LEU B 22 27.91 5.50 -6.60
C LEU B 22 28.52 5.24 -5.22
N ASP B 23 27.95 4.29 -4.49
CA ASP B 23 28.45 3.93 -3.16
C ASP B 23 29.29 2.64 -3.19
N GLU B 24 29.45 2.07 -4.38
CA GLU B 24 30.12 0.77 -4.61
C GLU B 24 31.41 0.57 -3.81
N GLY B 25 32.29 1.57 -3.83
CA GLY B 25 33.49 1.57 -3.00
C GLY B 25 33.30 2.49 -1.81
N LEU B 26 32.43 2.09 -0.88
CA LEU B 26 32.14 2.89 0.31
C LEU B 26 31.80 1.99 1.51
N ARG B 27 32.65 2.04 2.53
N ARG B 27 32.63 2.06 2.54
CA ARG B 27 32.35 1.35 3.78
CA ARG B 27 32.38 1.37 3.80
C ARG B 27 31.69 2.30 4.78
C ARG B 27 31.68 2.31 4.77
N LYS B 28 30.49 1.90 5.22
CA LYS B 28 29.66 2.73 6.08
C LYS B 28 29.90 2.49 7.57
N GLU B 29 29.69 3.53 8.35
CA GLU B 29 29.78 3.42 9.80
C GLU B 29 28.41 3.65 10.41
N ASP B 30 28.38 3.62 11.74
CA ASP B 30 27.19 3.97 12.47
C ASP B 30 27.36 5.37 13.05
N MET B 31 26.29 6.14 13.02
CA MET B 31 26.35 7.51 13.44
C MET B 31 25.22 7.82 14.41
N ALA B 32 25.61 8.21 15.63
CA ALA B 32 24.62 8.52 16.66
C ALA B 32 23.95 9.84 16.36
N VAL B 33 22.63 9.87 16.55
CA VAL B 33 21.88 11.11 16.50
C VAL B 33 21.10 11.19 17.82
N HIS B 34 21.48 12.14 18.67
CA HIS B 34 20.87 12.36 19.98
C HIS B 34 19.83 13.45 19.94
N VAL B 35 18.58 13.10 20.24
CA VAL B 35 17.46 14.04 20.16
C VAL B 35 16.48 13.89 21.31
N ARG B 36 15.76 14.97 21.63
CA ARG B 36 14.61 14.90 22.53
C ARG B 36 13.44 14.42 21.67
N ARG B 37 12.64 13.49 22.18
CA ARG B 37 11.41 13.12 21.51
C ARG B 37 10.59 14.34 21.09
N ASP B 38 10.44 15.29 22.00
CA ASP B 38 9.62 16.48 21.78
C ASP B 38 10.26 17.55 20.88
N HIS B 39 11.57 17.45 20.64
CA HIS B 39 12.25 18.46 19.85
C HIS B 39 13.03 17.87 18.68
N VAL B 40 12.45 16.83 18.06
CA VAL B 40 13.16 16.03 17.06
C VAL B 40 13.70 16.85 15.89
N PHE B 41 12.87 17.73 15.34
CA PHE B 41 13.22 18.47 14.14
C PHE B 41 14.43 19.38 14.38
N GLU B 42 14.34 20.19 15.43
CA GLU B 42 15.37 21.15 15.78
C GLU B 42 16.65 20.49 16.31
N ASP B 43 16.50 19.37 17.03
CA ASP B 43 17.66 18.60 17.46
C ASP B 43 18.33 17.87 16.29
N SER B 44 17.55 17.24 15.43
CA SER B 44 18.11 16.53 14.27
C SER B 44 18.84 17.48 13.31
N TYR B 45 18.39 18.73 13.25
CA TYR B 45 19.10 19.73 12.47
C TYR B 45 20.47 19.95 13.10
N ARG B 46 20.47 20.33 14.38
CA ARG B 46 21.70 20.61 15.13
C ARG B 46 22.70 19.48 14.92
N GLU B 47 22.18 18.27 15.02
CA GLU B 47 22.99 17.07 14.99
C GLU B 47 23.52 16.75 13.60
N LEU B 48 22.72 17.04 12.57
CA LEU B 48 23.02 16.53 11.23
C LEU B 48 23.42 17.56 10.20
N HIS B 49 23.17 18.84 10.47
CA HIS B 49 23.37 19.84 9.43
C HIS B 49 24.82 20.11 9.00
N ARG B 50 25.78 19.82 9.89
N ARG B 50 25.78 19.81 9.87
CA ARG B 50 27.19 20.03 9.59
CA ARG B 50 27.20 20.03 9.53
C ARG B 50 27.91 18.82 8.95
C ARG B 50 27.95 18.77 9.08
N LYS B 51 27.22 17.69 8.85
CA LYS B 51 27.79 16.45 8.30
C LYS B 51 28.06 16.60 6.81
N SER B 52 29.05 15.88 6.32
CA SER B 52 29.29 15.84 4.88
C SER B 52 28.25 14.94 4.20
N PRO B 53 28.01 15.13 2.89
CA PRO B 53 27.14 14.20 2.17
C PRO B 53 27.50 12.72 2.38
N GLU B 54 28.80 12.41 2.38
N GLU B 54 28.78 12.36 2.19
CA GLU B 54 29.28 11.06 2.66
CA GLU B 54 29.21 10.96 2.29
C GLU B 54 29.17 10.66 4.14
C GLU B 54 28.85 10.44 3.66
N GLU B 55 29.30 11.61 5.07
N GLU B 55 29.33 11.16 4.68
CA GLU B 55 29.01 11.34 6.48
CA GLU B 55 29.00 10.91 6.09
C GLU B 55 27.50 11.05 6.65
C GLU B 55 27.52 10.63 6.28
N MET B 56 26.71 11.49 5.67
CA MET B 56 25.25 11.38 5.73
C MET B 56 24.69 10.06 5.15
N LYS B 57 25.54 9.32 4.44
CA LYS B 57 25.17 8.01 3.91
C LYS B 57 25.38 6.87 4.93
N ASN B 58 25.82 7.22 6.14
CA ASN B 58 25.98 6.26 7.24
C ASN B 58 24.63 5.81 7.76
N ARG B 59 24.63 4.64 8.40
CA ARG B 59 23.47 4.15 9.10
C ARG B 59 23.20 5.04 10.31
N LEU B 60 21.98 5.56 10.37
CA LEU B 60 21.59 6.44 11.45
C LEU B 60 21.21 5.62 12.65
N TYR B 61 21.80 5.99 13.78
CA TYR B 61 21.55 5.36 15.05
C TYR B 61 20.94 6.41 15.99
N ILE B 62 19.64 6.34 16.19
N ILE B 62 19.62 6.33 16.17
CA ILE B 62 18.92 7.38 16.92
CA ILE B 62 18.89 7.33 16.95
C ILE B 62 18.83 7.09 18.44
C ILE B 62 18.95 7.03 18.45
N VAL B 63 19.18 8.07 19.25
CA VAL B 63 19.18 7.96 20.72
C VAL B 63 18.28 9.03 21.33
N PHE B 64 17.09 8.62 21.78
CA PHE B 64 16.11 9.51 22.38
C PHE B 64 16.50 9.85 23.80
N GLU B 65 16.76 11.13 24.05
CA GLU B 65 17.12 11.60 25.38
C GLU B 65 16.12 11.16 26.45
N GLY B 66 16.65 10.69 27.59
CA GLY B 66 15.86 10.40 28.80
C GLY B 66 14.91 9.23 28.72
N GLU B 67 15.20 8.28 27.84
CA GLU B 67 14.28 7.21 27.52
C GLU B 67 14.88 5.84 27.68
N GLU B 68 14.20 4.98 28.44
CA GLU B 68 14.54 3.56 28.55
C GLU B 68 15.06 3.06 27.19
N GLY B 69 16.27 2.50 27.18
CA GLY B 69 16.88 2.00 25.95
C GLY B 69 16.03 0.95 25.25
N GLN B 70 15.85 1.14 23.94
CA GLN B 70 14.96 0.26 23.17
C GLN B 70 15.48 -0.03 21.77
N ASP B 71 14.79 -0.94 21.08
CA ASP B 71 15.20 -1.48 19.78
C ASP B 71 15.61 -0.41 18.79
N ALA B 72 16.87 -0.50 18.35
CA ALA B 72 17.47 0.49 17.45
C ALA B 72 16.65 0.75 16.19
N GLY B 73 16.20 -0.34 15.55
CA GLY B 73 15.40 -0.27 14.33
C GLY B 73 14.06 0.41 14.54
N GLY B 74 13.30 -0.04 15.54
CA GLY B 74 12.04 0.59 15.92
C GLY B 74 12.21 2.10 16.11
N LEU B 75 13.21 2.48 16.89
CA LEU B 75 13.51 3.88 17.14
C LEU B 75 13.75 4.70 15.85
N LEU B 76 14.46 4.11 14.88
CA LEU B 76 14.74 4.78 13.61
C LEU B 76 13.48 5.08 12.79
N ARG B 77 12.55 4.12 12.74
CA ARG B 77 11.24 4.34 12.13
C ARG B 77 10.48 5.50 12.79
N GLU B 78 10.34 5.42 14.12
CA GLU B 78 9.71 6.47 14.92
C GLU B 78 10.30 7.84 14.61
N TRP B 79 11.64 7.91 14.60
CA TRP B 79 12.35 9.16 14.34
C TRP B 79 11.98 9.71 12.97
N TYR B 80 12.04 8.86 11.96
CA TYR B 80 11.60 9.19 10.61
C TYR B 80 10.15 9.70 10.57
N MET B 81 9.24 9.02 11.27
CA MET B 81 7.84 9.46 11.32
C MET B 81 7.69 10.87 11.93
N ILE B 82 8.41 11.12 13.02
CA ILE B 82 8.34 12.41 13.68
C ILE B 82 8.91 13.52 12.79
N ILE B 83 10.11 13.29 12.23
CA ILE B 83 10.75 14.30 11.39
C ILE B 83 9.96 14.65 10.13
N SER B 84 9.35 13.63 9.50
CA SER B 84 8.39 13.81 8.38
C SER B 84 7.24 14.76 8.71
N ARG B 85 6.64 14.57 9.88
N ARG B 85 6.65 14.58 9.88
CA ARG B 85 5.52 15.37 10.34
CA ARG B 85 5.52 15.38 10.34
C ARG B 85 5.94 16.80 10.68
C ARG B 85 5.94 16.80 10.68
N GLU B 86 7.01 16.93 11.46
CA GLU B 86 7.42 18.21 12.03
C GLU B 86 8.04 19.18 11.04
N MET B 87 8.61 18.64 9.98
CA MET B 87 9.03 19.36 8.79
C MET B 87 8.01 20.41 8.36
N PHE B 88 6.78 19.94 8.17
CA PHE B 88 5.64 20.72 7.70
C PHE B 88 4.89 21.46 8.81
N ASN B 89 5.49 21.55 10.00
CA ASN B 89 4.90 22.32 11.09
C ASN B 89 4.94 23.85 10.88
N PRO B 90 3.77 24.52 11.00
CA PRO B 90 3.71 25.97 10.79
C PRO B 90 4.69 26.76 11.66
N MET B 91 5.02 26.22 12.84
N MET B 91 4.98 26.23 12.86
CA MET B 91 5.92 26.89 13.77
CA MET B 91 5.99 26.77 13.78
C MET B 91 7.29 27.26 13.19
C MET B 91 7.18 27.36 13.04
N TYR B 92 7.74 26.54 12.17
CA TYR B 92 9.03 26.83 11.51
C TYR B 92 8.86 27.63 10.23
N ALA B 93 7.61 27.88 9.86
CA ALA B 93 7.25 28.60 8.64
C ALA B 93 8.02 28.19 7.37
N LEU B 94 8.36 26.91 7.24
CA LEU B 94 9.07 26.45 6.05
C LEU B 94 8.12 26.04 4.91
N PHE B 95 7.00 25.40 5.27
CA PHE B 95 6.10 24.89 4.24
C PHE B 95 4.67 25.30 4.47
N ARG B 96 4.00 25.63 3.38
CA ARG B 96 2.59 26.03 3.43
C ARG B 96 1.78 25.04 2.60
N THR B 97 0.52 24.84 2.97
CA THR B 97 -0.37 23.96 2.23
C THR B 97 -0.90 24.61 0.96
N SER B 98 -1.17 23.79 -0.04
CA SER B 98 -1.86 24.25 -1.25
C SER B 98 -3.27 24.73 -0.89
N PRO B 99 -3.59 25.99 -1.24
CA PRO B 99 -4.94 26.50 -1.00
C PRO B 99 -5.97 25.72 -1.80
N GLY B 100 -5.54 25.16 -2.93
CA GLY B 100 -6.40 24.36 -3.77
C GLY B 100 -6.64 22.96 -3.24
N ASP B 101 -5.55 22.24 -2.95
CA ASP B 101 -5.64 20.81 -2.65
C ASP B 101 -5.60 20.48 -1.16
N ARG B 102 -5.31 21.47 -0.33
CA ARG B 102 -5.43 21.40 1.15
C ARG B 102 -4.36 20.58 1.86
N VAL B 103 -3.96 19.48 1.21
CA VAL B 103 -3.23 18.38 1.83
C VAL B 103 -1.74 18.38 1.40
N THR B 104 -1.44 19.11 0.33
CA THR B 104 -0.11 19.13 -0.22
C THR B 104 0.66 20.37 0.26
N TYR B 105 1.98 20.31 0.14
CA TYR B 105 2.86 21.38 0.65
C TYR B 105 3.87 21.85 -0.36
N THR B 106 4.20 23.13 -0.25
CA THR B 106 5.27 23.70 -1.01
C THR B 106 5.93 24.77 -0.14
N ILE B 107 7.00 25.36 -0.65
CA ILE B 107 7.75 26.35 0.13
C ILE B 107 6.92 27.60 0.48
N ASN B 108 7.05 28.01 1.74
CA ASN B 108 6.36 29.18 2.25
C ASN B 108 7.23 30.39 2.01
N PRO B 109 6.77 31.32 1.15
CA PRO B 109 7.52 32.51 0.76
C PRO B 109 7.80 33.46 1.93
N SER B 110 7.20 33.21 3.09
CA SER B 110 7.43 34.05 4.27
C SER B 110 8.47 33.44 5.21
N SER B 111 9.00 32.27 4.83
CA SER B 111 10.08 31.58 5.55
C SER B 111 11.24 32.48 5.97
N HIS B 112 11.47 33.56 5.22
CA HIS B 112 12.55 34.51 5.48
C HIS B 112 12.46 35.17 6.86
N CYS B 113 11.24 35.26 7.41
N CYS B 113 11.24 35.25 7.40
CA CYS B 113 11.06 35.84 8.74
CA CYS B 113 11.00 35.80 8.75
C CYS B 113 11.79 35.01 9.80
C CYS B 113 11.69 34.94 9.80
N ASN B 114 12.50 34.00 9.32
CA ASN B 114 13.25 33.10 10.17
C ASN B 114 14.70 33.09 9.65
N PRO B 115 15.57 33.89 10.27
CA PRO B 115 16.89 34.20 9.73
C PRO B 115 17.64 32.99 9.16
N ASN B 116 17.48 31.82 9.77
CA ASN B 116 18.17 30.61 9.33
C ASN B 116 17.40 29.72 8.37
N HIS B 117 16.36 30.26 7.74
CA HIS B 117 15.49 29.46 6.88
C HIS B 117 16.27 28.72 5.80
N LEU B 118 17.15 29.44 5.11
CA LEU B 118 17.93 28.83 4.03
C LEU B 118 18.73 27.59 4.49
N SER B 119 19.28 27.62 5.70
CA SER B 119 20.03 26.46 6.20
C SER B 119 19.12 25.26 6.46
N TYR B 120 17.94 25.54 7.01
CA TYR B 120 16.92 24.53 7.26
C TYR B 120 16.37 23.88 5.97
N PHE B 121 16.17 24.66 4.92
CA PHE B 121 15.73 24.11 3.62
C PHE B 121 16.75 23.12 3.08
N LYS B 122 18.02 23.47 3.21
CA LYS B 122 19.09 22.58 2.78
C LYS B 122 19.03 21.31 3.59
N PHE B 123 18.77 21.47 4.89
CA PHE B 123 18.71 20.34 5.80
C PHE B 123 17.52 19.41 5.51
N VAL B 124 16.32 19.97 5.32
CA VAL B 124 15.21 19.10 4.92
C VAL B 124 15.45 18.44 3.54
N GLY B 125 16.15 19.14 2.65
CA GLY B 125 16.55 18.57 1.37
C GLY B 125 17.39 17.34 1.63
N ARG B 126 18.37 17.50 2.51
CA ARG B 126 19.23 16.41 2.97
C ARG B 126 18.43 15.20 3.47
N ILE B 127 17.44 15.44 4.33
CA ILE B 127 16.64 14.38 4.91
C ILE B 127 15.81 13.63 3.87
N VAL B 128 15.07 14.36 3.06
CA VAL B 128 14.25 13.74 2.02
C VAL B 128 15.13 12.79 1.19
N ALA B 129 16.25 13.32 0.71
CA ALA B 129 17.21 12.60 -0.12
C ALA B 129 17.86 11.41 0.60
N LYS B 130 18.09 11.55 1.91
CA LYS B 130 18.66 10.46 2.70
C LYS B 130 17.68 9.30 2.77
N ALA B 131 16.43 9.62 3.10
CA ALA B 131 15.35 8.65 3.10
C ALA B 131 15.24 7.92 1.76
N VAL B 132 15.05 8.67 0.69
CA VAL B 132 15.01 8.11 -0.65
C VAL B 132 16.23 7.19 -0.87
N TYR B 133 17.40 7.67 -0.47
CA TYR B 133 18.66 6.93 -0.62
C TYR B 133 18.59 5.55 0.02
N ASP B 134 18.13 5.49 1.27
CA ASP B 134 18.07 4.23 2.02
C ASP B 134 16.78 3.44 1.83
N ASN B 135 15.89 3.93 0.96
CA ASN B 135 14.60 3.27 0.66
C ASN B 135 13.65 3.31 1.86
N ARG B 136 13.79 4.36 2.66
CA ARG B 136 12.83 4.71 3.69
C ARG B 136 11.72 5.49 3.04
N LEU B 137 10.49 5.20 3.43
CA LEU B 137 9.33 5.90 2.91
C LEU B 137 8.92 6.98 3.90
N LEU B 138 8.64 8.17 3.38
CA LEU B 138 8.19 9.30 4.20
C LEU B 138 6.78 9.73 3.84
N GLU B 139 5.98 10.02 4.85
CA GLU B 139 4.67 10.65 4.63
C GLU B 139 4.79 12.15 4.35
N CYS B 140 5.50 12.50 3.28
CA CYS B 140 5.60 13.88 2.79
C CYS B 140 4.85 14.01 1.48
N TYR B 141 3.94 14.97 1.43
CA TYR B 141 3.11 15.15 0.26
C TYR B 141 3.23 16.56 -0.24
N PHE B 142 4.00 16.71 -1.30
CA PHE B 142 4.25 18.01 -1.89
C PHE B 142 3.25 18.31 -3.01
N THR B 143 3.13 19.59 -3.35
CA THR B 143 2.39 19.98 -4.55
C THR B 143 3.14 19.41 -5.74
N ARG B 144 2.44 19.15 -6.84
CA ARG B 144 3.11 18.41 -7.91
C ARG B 144 4.18 19.26 -8.60
N SER B 145 4.05 20.57 -8.47
CA SER B 145 5.03 21.53 -8.97
C SER B 145 6.34 21.40 -8.21
N PHE B 146 6.24 21.14 -6.90
CA PHE B 146 7.44 20.90 -6.11
C PHE B 146 8.22 19.69 -6.65
N TYR B 147 7.53 18.57 -6.84
CA TYR B 147 8.13 17.40 -7.48
C TYR B 147 8.76 17.77 -8.84
N LYS B 148 8.04 18.58 -9.62
CA LYS B 148 8.59 19.09 -10.88
C LYS B 148 9.90 19.85 -10.66
N HIS B 149 9.92 20.77 -9.70
CA HIS B 149 11.15 21.48 -9.38
C HIS B 149 12.32 20.51 -9.10
N ILE B 150 12.08 19.46 -8.32
CA ILE B 150 13.16 18.53 -7.93
C ILE B 150 13.75 17.85 -9.16
N LEU B 151 12.88 17.53 -10.12
CA LEU B 151 13.30 16.87 -11.34
C LEU B 151 13.91 17.82 -12.37
N GLY B 152 13.87 19.12 -12.07
CA GLY B 152 14.33 20.15 -13.00
C GLY B 152 13.36 20.36 -14.14
N LYS B 153 12.08 20.12 -13.85
CA LYS B 153 11.04 20.10 -14.88
C LYS B 153 10.17 21.36 -14.79
N SER B 154 9.78 21.89 -15.95
CA SER B 154 9.00 23.12 -16.05
C SER B 154 7.53 22.95 -15.60
N VAL B 155 7.00 23.93 -14.87
CA VAL B 155 5.56 23.95 -14.54
C VAL B 155 4.73 24.46 -15.71
N ARG B 156 3.58 23.83 -15.95
CA ARG B 156 2.62 24.28 -16.96
C ARG B 156 1.51 25.07 -16.27
N TYR B 157 0.76 25.84 -17.03
CA TYR B 157 -0.27 26.71 -16.47
C TYR B 157 -1.42 25.94 -15.78
N THR B 158 -1.53 24.65 -16.09
CA THR B 158 -2.45 23.77 -15.40
C THR B 158 -2.11 23.65 -13.90
N ASP B 159 -0.84 23.87 -13.57
CA ASP B 159 -0.38 23.81 -12.20
C ASP B 159 -0.83 24.99 -11.35
N MET B 160 -1.42 26.01 -11.98
CA MET B 160 -1.78 27.26 -11.30
C MET B 160 -3.08 27.14 -10.52
N GLU B 161 -4.02 26.38 -11.07
CA GLU B 161 -5.40 26.33 -10.55
C GLU B 161 -5.46 26.05 -9.05
N SER B 162 -4.62 25.13 -8.57
CA SER B 162 -4.57 24.78 -7.16
C SER B 162 -3.77 25.79 -6.31
N GLU B 163 -2.98 26.62 -6.96
CA GLU B 163 -2.18 27.63 -6.26
C GLU B 163 -2.82 29.02 -6.25
N ASP B 164 -3.32 29.44 -7.40
CA ASP B 164 -3.98 30.73 -7.55
C ASP B 164 -5.12 30.58 -8.54
N TYR B 165 -6.27 30.14 -8.01
CA TYR B 165 -7.42 29.79 -8.84
C TYR B 165 -7.77 30.87 -9.87
N HIS B 166 -7.87 32.12 -9.44
CA HIS B 166 -8.34 33.21 -10.32
C HIS B 166 -7.32 33.60 -11.39
N PHE B 167 -6.06 33.74 -10.98
CA PHE B 167 -5.01 34.04 -11.94
C PHE B 167 -4.96 32.96 -13.03
N TYR B 168 -5.09 31.71 -12.62
CA TYR B 168 -5.15 30.61 -13.57
C TYR B 168 -6.29 30.82 -14.58
N GLN B 169 -7.47 31.22 -14.08
CA GLN B 169 -8.64 31.45 -14.94
C GLN B 169 -8.35 32.54 -15.97
N GLY B 170 -7.58 33.54 -15.56
CA GLY B 170 -7.10 34.60 -16.45
C GLY B 170 -6.26 34.03 -17.58
N LEU B 171 -5.38 33.09 -17.26
CA LEU B 171 -4.51 32.42 -18.25
C LEU B 171 -5.33 31.66 -19.30
N VAL B 172 -6.27 30.84 -18.84
CA VAL B 172 -7.18 30.11 -19.73
C VAL B 172 -7.90 31.05 -20.70
N TYR B 173 -8.47 32.12 -20.15
CA TYR B 173 -9.14 33.13 -20.95
C TYR B 173 -8.20 33.77 -21.98
N LEU B 174 -6.99 34.15 -21.55
CA LEU B 174 -5.97 34.70 -22.45
C LEU B 174 -5.65 33.73 -23.60
N LEU B 175 -5.45 32.47 -23.26
CA LEU B 175 -5.16 31.41 -24.22
C LEU B 175 -6.26 31.23 -25.25
N GLU B 176 -7.50 31.50 -24.88
CA GLU B 176 -8.66 31.14 -25.69
C GLU B 176 -9.34 32.26 -26.44
N ASN B 177 -9.00 33.50 -26.10
CA ASN B 177 -9.65 34.67 -26.68
C ASN B 177 -8.63 35.58 -27.34
N ASP B 178 -9.12 36.51 -28.13
CA ASP B 178 -8.23 37.41 -28.86
C ASP B 178 -7.63 38.43 -27.91
N VAL B 179 -6.34 38.68 -28.04
CA VAL B 179 -5.65 39.69 -27.23
C VAL B 179 -6.19 41.11 -27.49
N SER B 180 -6.57 41.39 -28.74
CA SER B 180 -7.22 42.66 -29.11
C SER B 180 -8.52 42.87 -28.34
N THR B 181 -9.04 41.79 -27.78
CA THR B 181 -10.36 41.76 -27.17
C THR B 181 -10.38 42.21 -25.71
N LEU B 182 -9.28 41.93 -25.00
CA LEU B 182 -9.20 42.02 -23.54
C LEU B 182 -9.73 43.31 -22.90
N GLY B 183 -9.59 44.44 -23.59
CA GLY B 183 -9.99 45.73 -23.04
C GLY B 183 -8.98 46.25 -22.03
N TYR B 184 -7.79 45.64 -22.06
CA TYR B 184 -6.62 46.04 -21.28
C TYR B 184 -5.47 45.31 -21.94
N ASP B 185 -4.25 45.80 -21.82
CA ASP B 185 -3.13 45.00 -22.31
C ASP B 185 -2.15 44.61 -21.22
N LEU B 186 -1.52 43.47 -21.42
CA LEU B 186 -0.60 42.90 -20.44
C LEU B 186 0.82 43.02 -20.93
N THR B 187 1.73 43.07 -19.96
CA THR B 187 3.15 43.20 -20.23
C THR B 187 3.87 41.92 -19.77
N PHE B 188 5.06 41.69 -20.31
CA PHE B 188 5.91 40.58 -19.89
C PHE B 188 6.56 40.87 -18.53
N SER B 189 5.71 40.94 -17.50
CA SER B 189 6.14 41.25 -16.12
C SER B 189 4.99 41.14 -15.10
N THR B 190 5.27 40.56 -13.93
CA THR B 190 4.29 40.51 -12.83
C THR B 190 4.89 40.82 -11.46
N GLU B 191 3.99 41.08 -10.51
CA GLU B 191 4.34 41.32 -9.12
C GLU B 191 4.90 40.04 -8.51
N VAL B 192 5.94 40.20 -7.71
CA VAL B 192 6.56 39.11 -6.97
C VAL B 192 6.88 39.69 -5.60
N GLN B 193 6.48 39.01 -4.54
CA GLN B 193 6.98 39.38 -3.22
C GLN B 193 8.03 38.39 -2.76
N GLU B 194 9.29 38.79 -2.87
CA GLU B 194 10.39 37.96 -2.42
C GLU B 194 10.98 38.56 -1.16
N PHE B 195 11.25 37.73 -0.16
CA PHE B 195 11.81 38.20 1.11
C PHE B 195 11.08 39.45 1.61
N GLY B 196 9.76 39.45 1.49
CA GLY B 196 8.89 40.52 1.96
C GLY B 196 8.84 41.78 1.09
N VAL B 197 9.50 41.73 -0.05
CA VAL B 197 9.68 42.89 -0.92
C VAL B 197 8.87 42.70 -2.20
N CYS B 198 7.96 43.63 -2.47
CA CYS B 198 7.14 43.57 -3.68
C CYS B 198 7.84 44.24 -4.83
N GLU B 199 8.09 43.47 -5.88
CA GLU B 199 8.69 43.97 -7.10
C GLU B 199 7.80 43.62 -8.28
N VAL B 200 8.05 44.29 -9.40
CA VAL B 200 7.57 43.86 -10.69
C VAL B 200 8.80 43.41 -11.45
N ARG B 201 8.78 42.18 -11.98
CA ARG B 201 9.97 41.61 -12.63
C ARG B 201 9.75 41.26 -14.08
N ASP B 202 10.68 41.65 -14.95
CA ASP B 202 10.63 41.30 -16.36
C ASP B 202 10.69 39.78 -16.47
N LEU B 203 10.05 39.23 -17.50
CA LEU B 203 10.07 37.79 -17.73
C LEU B 203 11.12 37.49 -18.79
N LYS B 204 11.55 38.52 -19.49
CA LYS B 204 12.57 38.43 -20.54
C LYS B 204 13.16 39.83 -20.78
N PRO B 205 14.17 39.95 -21.69
CA PRO B 205 14.76 41.27 -21.98
C PRO B 205 13.75 42.38 -22.33
N ASN B 206 13.61 43.36 -21.43
CA ASN B 206 12.75 44.54 -21.62
C ASN B 206 11.26 44.18 -21.49
N GLY B 207 10.98 43.26 -20.58
CA GLY B 207 9.65 42.68 -20.43
C GLY B 207 8.55 43.66 -20.10
N ALA B 208 8.82 44.57 -19.17
CA ALA B 208 7.82 45.55 -18.75
C ALA B 208 7.40 46.49 -19.89
N ASN B 209 8.28 46.67 -20.87
CA ASN B 209 8.00 47.46 -22.07
C ASN B 209 7.58 46.62 -23.27
N ILE B 210 7.35 45.33 -23.07
CA ILE B 210 6.89 44.46 -24.16
C ILE B 210 5.46 43.98 -23.93
N LEU B 211 4.60 44.21 -24.93
CA LEU B 211 3.19 43.84 -24.87
C LEU B 211 2.96 42.39 -25.28
N VAL B 212 1.89 41.80 -24.77
CA VAL B 212 1.47 40.47 -25.18
C VAL B 212 0.61 40.59 -26.46
N THR B 213 0.83 39.68 -27.40
CA THR B 213 0.08 39.61 -28.64
C THR B 213 -0.45 38.20 -28.78
N GLU B 214 -1.33 37.97 -29.75
CA GLU B 214 -1.71 36.62 -30.15
C GLU B 214 -0.46 35.87 -30.59
N GLU B 215 0.58 36.63 -30.94
CA GLU B 215 1.87 36.11 -31.42
C GLU B 215 2.69 35.42 -30.35
N ASN B 216 2.78 36.04 -29.18
CA ASN B 216 3.65 35.56 -28.12
C ASN B 216 2.92 35.21 -26.82
N LYS B 217 1.59 35.12 -26.87
CA LYS B 217 0.77 34.88 -25.67
C LYS B 217 1.05 33.55 -24.99
N LYS B 218 1.27 32.50 -25.78
CA LYS B 218 1.73 31.21 -25.28
C LYS B 218 3.03 31.41 -24.48
N GLU B 219 4.05 31.97 -25.13
CA GLU B 219 5.34 32.25 -24.50
C GLU B 219 5.19 33.01 -23.18
N TYR B 220 4.36 34.04 -23.16
CA TYR B 220 4.09 34.80 -21.94
C TYR B 220 3.55 33.91 -20.82
N VAL B 221 2.58 33.05 -21.16
CA VAL B 221 1.93 32.18 -20.19
C VAL B 221 2.96 31.26 -19.51
N HIS B 222 3.93 30.78 -20.28
CA HIS B 222 4.95 29.85 -19.78
C HIS B 222 5.92 30.55 -18.84
N LEU B 223 6.22 31.81 -19.13
CA LEU B 223 7.17 32.58 -18.33
C LEU B 223 6.47 33.09 -17.08
N VAL B 224 5.24 33.58 -17.24
CA VAL B 224 4.49 34.08 -16.10
C VAL B 224 4.22 32.96 -15.08
N CYS B 225 4.15 31.73 -15.55
CA CYS B 225 3.92 30.58 -14.67
C CYS B 225 5.15 30.26 -13.87
N GLN B 226 6.23 29.95 -14.58
CA GLN B 226 7.55 29.81 -13.99
C GLN B 226 7.82 30.89 -12.92
N MET B 227 7.61 32.16 -13.28
CA MET B 227 7.90 33.31 -12.43
C MET B 227 6.98 33.47 -11.21
N ARG B 228 5.67 33.34 -11.43
CA ARG B 228 4.69 33.44 -10.35
C ARG B 228 4.89 32.35 -9.31
N MET B 229 5.42 31.23 -9.80
CA MET B 229 5.50 29.99 -9.04
C MET B 229 6.82 29.89 -8.27
N THR B 230 7.92 30.37 -8.86
CA THR B 230 9.25 30.20 -8.25
C THR B 230 9.99 31.48 -7.88
N GLY B 231 9.51 32.62 -8.37
CA GLY B 231 10.22 33.89 -8.18
C GLY B 231 10.35 34.35 -6.74
N ALA B 232 9.38 33.96 -5.90
CA ALA B 232 9.37 34.35 -4.50
C ALA B 232 10.12 33.34 -3.65
N ILE B 233 10.31 32.14 -4.19
CA ILE B 233 10.93 31.04 -3.44
C ILE B 233 12.30 30.57 -4.00
N ARG B 234 12.87 31.31 -4.96
CA ARG B 234 14.11 30.92 -5.65
C ARG B 234 15.21 30.45 -4.71
N LYS B 235 15.48 31.26 -3.69
CA LYS B 235 16.60 31.01 -2.78
C LYS B 235 16.31 29.84 -1.83
N GLN B 236 15.07 29.77 -1.37
CA GLN B 236 14.60 28.64 -0.56
C GLN B 236 14.76 27.32 -1.32
N LEU B 237 14.30 27.34 -2.58
CA LEU B 237 14.29 26.16 -3.45
C LEU B 237 15.69 25.68 -3.77
N ALA B 238 16.56 26.62 -4.15
CA ALA B 238 17.97 26.31 -4.40
C ALA B 238 18.65 25.61 -3.22
N ALA B 239 18.37 26.11 -2.00
CA ALA B 239 18.86 25.46 -0.78
C ALA B 239 18.35 24.03 -0.65
N PHE B 240 17.03 23.83 -0.77
CA PHE B 240 16.45 22.50 -0.70
C PHE B 240 17.13 21.58 -1.73
N LEU B 241 17.23 22.07 -2.96
CA LEU B 241 17.82 21.32 -4.05
C LEU B 241 19.30 21.00 -3.84
N GLU B 242 20.07 21.97 -3.36
CA GLU B 242 21.47 21.70 -3.02
C GLU B 242 21.55 20.56 -2.00
N GLY B 243 20.68 20.61 -1.00
CA GLY B 243 20.62 19.60 0.06
C GLY B 243 20.24 18.23 -0.49
N PHE B 244 19.35 18.23 -1.48
CA PHE B 244 18.90 16.99 -2.08
C PHE B 244 19.96 16.37 -2.98
N TYR B 245 20.41 17.15 -3.95
CA TYR B 245 21.37 16.68 -4.95
C TYR B 245 22.70 16.19 -4.37
N GLU B 246 23.15 16.82 -3.28
CA GLU B 246 24.34 16.37 -2.54
C GLU B 246 24.28 14.89 -2.15
N ILE B 247 23.09 14.29 -2.16
CA ILE B 247 22.90 12.87 -1.80
C ILE B 247 22.34 12.04 -2.96
N ILE B 248 21.28 12.52 -3.60
CA ILE B 248 20.79 11.94 -4.85
C ILE B 248 21.10 12.94 -5.97
N PRO B 249 22.18 12.71 -6.73
CA PRO B 249 22.49 13.63 -7.83
C PRO B 249 21.37 13.72 -8.87
N LYS B 250 21.24 14.91 -9.49
CA LYS B 250 20.13 15.20 -10.41
C LYS B 250 20.00 14.20 -11.57
N ARG B 251 21.13 13.69 -12.04
CA ARG B 251 21.15 12.71 -13.14
C ARG B 251 20.46 11.39 -12.81
N LEU B 252 20.30 11.14 -11.51
CA LEU B 252 19.71 9.90 -11.04
C LEU B 252 18.23 10.04 -10.79
N ILE B 253 17.83 11.17 -10.22
CA ILE B 253 16.44 11.38 -9.89
C ILE B 253 15.63 11.82 -11.10
N SER B 254 16.28 12.44 -12.08
CA SER B 254 15.63 12.99 -13.29
C SER B 254 15.11 11.92 -14.27
N ILE B 255 15.16 10.67 -13.85
CA ILE B 255 14.63 9.56 -14.63
C ILE B 255 13.11 9.48 -14.41
N PHE B 256 12.67 9.98 -13.26
CA PHE B 256 11.28 9.89 -12.90
C PHE B 256 10.46 11.06 -13.42
N THR B 257 9.16 10.81 -13.58
CA THR B 257 8.16 11.86 -13.73
C THR B 257 7.79 12.37 -12.35
N GLU B 258 6.99 13.43 -12.31
CA GLU B 258 6.49 14.01 -11.06
C GLU B 258 5.46 13.13 -10.34
N GLN B 259 4.88 12.17 -11.06
CA GLN B 259 4.00 11.22 -10.43
C GLN B 259 4.88 10.15 -9.77
N GLU B 260 5.82 9.64 -10.55
CA GLU B 260 6.73 8.58 -10.13
C GLU B 260 7.63 9.00 -8.97
N LEU B 261 8.16 10.22 -9.03
CA LEU B 261 9.00 10.71 -7.93
C LEU B 261 8.24 10.71 -6.61
N GLU B 262 6.99 11.22 -6.64
CA GLU B 262 6.13 11.19 -5.47
C GLU B 262 5.95 9.78 -4.94
N LEU B 263 5.70 8.82 -5.84
CA LEU B 263 5.40 7.45 -5.42
C LEU B 263 6.62 6.75 -4.85
N LEU B 264 7.79 7.21 -5.30
CA LEU B 264 9.06 6.75 -4.79
C LEU B 264 9.26 7.21 -3.35
N ILE B 265 9.02 8.50 -3.10
CA ILE B 265 9.22 9.10 -1.78
C ILE B 265 8.27 8.52 -0.73
N SER B 266 6.96 8.53 -1.01
CA SER B 266 6.00 8.14 0.02
C SER B 266 5.30 6.80 -0.18
N GLY B 267 5.76 6.01 -1.15
CA GLY B 267 5.16 4.72 -1.45
C GLY B 267 3.87 4.80 -2.26
N LEU B 268 3.37 3.65 -2.69
CA LEU B 268 2.12 3.61 -3.46
C LEU B 268 0.93 3.53 -2.52
N PRO B 269 -0.06 4.41 -2.72
CA PRO B 269 -1.31 4.32 -1.95
C PRO B 269 -2.12 3.07 -2.31
N THR B 270 -3.02 2.65 -1.42
CA THR B 270 -4.04 1.66 -1.78
C THR B 270 -5.39 2.35 -1.91
N ILE B 271 -6.03 2.15 -3.05
CA ILE B 271 -7.40 2.62 -3.28
C ILE B 271 -8.38 1.47 -3.01
N ASP B 272 -9.27 1.69 -2.05
CA ASP B 272 -10.36 0.77 -1.78
C ASP B 272 -11.49 1.20 -2.68
N ILE B 273 -11.77 0.48 -3.76
CA ILE B 273 -12.73 1.03 -4.73
C ILE B 273 -14.14 1.18 -4.18
N ASP B 274 -14.59 0.22 -3.38
CA ASP B 274 -15.88 0.34 -2.71
C ASP B 274 -15.96 1.65 -1.88
N ASP B 275 -14.88 2.01 -1.20
CA ASP B 275 -14.86 3.27 -0.45
C ASP B 275 -14.96 4.52 -1.32
N LEU B 276 -14.18 4.53 -2.41
CA LEU B 276 -14.26 5.60 -3.39
C LEU B 276 -15.68 5.58 -4.00
N LYS B 277 -16.08 4.42 -4.51
CA LYS B 277 -17.39 4.26 -5.10
C LYS B 277 -18.52 4.75 -4.17
N SER B 278 -18.37 4.51 -2.88
CA SER B 278 -19.37 4.93 -1.89
C SER B 278 -19.26 6.41 -1.52
N ASN B 279 -18.29 7.09 -2.14
CA ASN B 279 -17.99 8.50 -1.85
C ASN B 279 -17.72 9.34 -3.12
N THR B 280 -18.51 9.07 -4.16
CA THR B 280 -18.43 9.73 -5.47
C THR B 280 -19.75 10.45 -5.73
N GLU B 281 -19.67 11.71 -6.16
CA GLU B 281 -20.85 12.45 -6.61
C GLU B 281 -20.93 12.49 -8.14
N TYR B 282 -22.13 12.68 -8.66
CA TYR B 282 -22.35 12.71 -10.11
C TYR B 282 -23.11 13.95 -10.55
N HIS B 283 -22.55 14.68 -11.51
CA HIS B 283 -23.23 15.82 -12.09
C HIS B 283 -23.55 15.51 -13.54
N LYS B 284 -24.84 15.59 -13.87
CA LYS B 284 -25.40 15.24 -15.18
C LYS B 284 -25.38 13.75 -15.49
N TYR B 285 -24.30 13.04 -15.16
CA TYR B 285 -24.31 11.57 -15.15
C TYR B 285 -25.07 11.07 -13.92
N GLN B 286 -25.60 9.85 -13.99
CA GLN B 286 -26.08 9.15 -12.79
C GLN B 286 -25.16 7.97 -12.56
N SER B 287 -25.26 7.33 -11.41
CA SER B 287 -24.38 6.20 -11.10
C SER B 287 -24.51 5.06 -12.12
N ASN B 288 -25.71 4.93 -12.68
N ASN B 288 -25.70 4.87 -12.69
CA ASN B 288 -26.07 3.93 -13.67
CA ASN B 288 -25.87 3.81 -13.70
C ASN B 288 -25.60 4.23 -15.11
C ASN B 288 -25.60 4.22 -15.16
N SER B 289 -25.24 5.49 -15.38
CA SER B 289 -24.88 5.94 -16.74
C SER B 289 -23.77 5.06 -17.32
N ILE B 290 -23.89 4.70 -18.60
CA ILE B 290 -22.98 3.72 -19.16
C ILE B 290 -21.49 4.03 -18.96
N GLN B 291 -21.07 5.28 -19.17
CA GLN B 291 -19.64 5.58 -19.00
C GLN B 291 -19.18 5.74 -17.55
N ILE B 292 -20.13 5.78 -16.62
CA ILE B 292 -19.80 5.66 -15.21
C ILE B 292 -19.55 4.19 -14.92
N GLN B 293 -20.44 3.33 -15.42
CA GLN B 293 -20.21 1.89 -15.32
C GLN B 293 -18.86 1.54 -15.91
N TRP B 294 -18.58 2.11 -17.08
CA TRP B 294 -17.31 1.92 -17.76
C TRP B 294 -16.13 2.41 -16.94
N PHE B 295 -16.29 3.57 -16.31
CA PHE B 295 -15.25 4.13 -15.48
C PHE B 295 -14.82 3.19 -14.35
N TRP B 296 -15.78 2.70 -13.58
CA TRP B 296 -15.48 1.82 -12.45
C TRP B 296 -14.85 0.51 -12.89
N ARG B 297 -15.21 0.03 -14.06
CA ARG B 297 -14.58 -1.17 -14.59
C ARG B 297 -13.10 -0.87 -14.93
N ALA B 298 -12.85 0.28 -15.57
CA ALA B 298 -11.52 0.64 -16.02
C ALA B 298 -10.56 0.88 -14.84
N LEU B 299 -11.01 1.69 -13.89
CA LEU B 299 -10.23 1.99 -12.70
C LEU B 299 -9.90 0.72 -11.95
N ARG B 300 -10.88 -0.17 -11.84
CA ARG B 300 -10.71 -1.36 -11.05
C ARG B 300 -9.68 -2.25 -11.70
N SER B 301 -9.53 -2.12 -13.02
CA SER B 301 -8.60 -2.96 -13.76
C SER B 301 -7.23 -2.30 -13.97
N PHE B 302 -7.02 -1.17 -13.31
CA PHE B 302 -5.74 -0.48 -13.37
C PHE B 302 -4.77 -1.10 -12.38
N ASP B 303 -3.48 -1.01 -12.68
CA ASP B 303 -2.40 -1.30 -11.74
C ASP B 303 -2.62 -0.62 -10.40
N GLN B 304 -2.01 -1.19 -9.37
CA GLN B 304 -1.75 -0.47 -8.14
C GLN B 304 -1.14 0.92 -8.50
N ALA B 305 -0.21 0.95 -9.45
CA ALA B 305 0.43 2.20 -9.87
C ALA B 305 -0.48 3.15 -10.65
N ASP B 306 -1.17 2.65 -11.66
CA ASP B 306 -2.05 3.52 -12.45
C ASP B 306 -3.23 4.06 -11.63
N ARG B 307 -3.71 3.27 -10.67
CA ARG B 307 -4.72 3.73 -9.71
C ARG B 307 -4.22 4.92 -8.89
N ALA B 308 -2.94 4.85 -8.48
CA ALA B 308 -2.26 5.94 -7.80
C ALA B 308 -2.21 7.19 -8.67
N LYS B 309 -1.72 7.02 -9.90
CA LYS B 309 -1.63 8.14 -10.81
C LYS B 309 -3.00 8.72 -11.10
N PHE B 310 -4.04 7.89 -11.11
CA PHE B 310 -5.39 8.42 -11.28
C PHE B 310 -5.79 9.29 -10.10
N LEU B 311 -5.56 8.77 -8.89
CA LEU B 311 -5.75 9.56 -7.69
C LEU B 311 -4.98 10.90 -7.79
N GLN B 312 -3.72 10.83 -8.20
CA GLN B 312 -2.91 12.04 -8.42
C GLN B 312 -3.57 12.97 -9.41
N PHE B 313 -4.00 12.42 -10.54
CA PHE B 313 -4.58 13.19 -11.63
C PHE B 313 -5.84 13.95 -11.19
N VAL B 314 -6.66 13.31 -10.38
CA VAL B 314 -7.99 13.86 -10.10
C VAL B 314 -8.03 14.65 -8.79
N THR B 315 -7.00 14.48 -7.96
CA THR B 315 -7.05 14.97 -6.59
C THR B 315 -5.90 15.92 -6.23
N GLY B 316 -4.78 15.84 -6.97
CA GLY B 316 -3.61 16.63 -6.66
C GLY B 316 -2.57 15.91 -5.84
N THR B 317 -2.96 14.81 -5.19
CA THR B 317 -2.04 14.04 -4.34
C THR B 317 -2.23 12.52 -4.48
N SER B 318 -1.21 11.75 -4.10
CA SER B 318 -1.36 10.29 -3.97
C SER B 318 -1.88 9.89 -2.59
N LYS B 319 -2.04 10.87 -1.70
CA LYS B 319 -2.49 10.64 -0.34
C LYS B 319 -3.99 10.40 -0.23
N VAL B 320 -4.35 9.23 0.28
CA VAL B 320 -5.72 8.91 0.69
C VAL B 320 -5.93 9.47 2.11
N PRO B 321 -7.11 10.08 2.39
CA PRO B 321 -7.39 10.51 3.76
C PRO B 321 -7.39 9.34 4.73
N LEU B 322 -6.92 9.58 5.95
CA LEU B 322 -6.86 8.54 6.97
C LEU B 322 -8.26 8.09 7.36
N GLN B 323 -9.21 8.99 7.16
CA GLN B 323 -10.63 8.73 7.44
C GLN B 323 -11.37 8.18 6.21
N GLY B 324 -10.63 7.89 5.15
CA GLY B 324 -11.22 7.39 3.92
C GLY B 324 -11.84 8.49 3.07
N PHE B 325 -12.42 8.07 1.94
CA PHE B 325 -12.82 8.99 0.88
C PHE B 325 -13.98 9.95 1.20
N ALA B 326 -14.71 9.70 2.27
CA ALA B 326 -15.71 10.65 2.75
C ALA B 326 -15.06 11.93 3.29
N ALA B 327 -13.75 11.87 3.54
CA ALA B 327 -13.01 12.96 4.18
C ALA B 327 -12.19 13.77 3.19
N LEU B 328 -12.38 13.53 1.91
CA LEU B 328 -11.67 14.24 0.85
C LEU B 328 -11.92 15.76 0.95
N GLU B 329 -10.88 16.53 1.22
CA GLU B 329 -11.02 17.99 1.26
C GLU B 329 -10.89 18.57 -0.14
N GLY B 330 -11.66 19.62 -0.40
CA GLY B 330 -11.51 20.42 -1.60
C GLY B 330 -11.14 21.84 -1.23
N MET B 331 -11.03 22.69 -2.25
CA MET B 331 -10.66 24.10 -2.07
C MET B 331 -11.53 24.82 -1.05
N ASN B 332 -12.84 24.57 -1.09
CA ASN B 332 -13.83 25.30 -0.28
C ASN B 332 -14.24 24.61 1.03
N GLY B 333 -13.76 23.38 1.24
CA GLY B 333 -14.11 22.59 2.42
C GLY B 333 -14.09 21.12 2.06
N ILE B 334 -14.99 20.34 2.63
CA ILE B 334 -15.16 18.93 2.24
C ILE B 334 -15.76 18.87 0.84
N GLN B 335 -15.10 18.15 -0.05
CA GLN B 335 -15.60 17.93 -1.40
C GLN B 335 -15.28 16.51 -1.84
N LYS B 336 -16.34 15.72 -2.04
CA LYS B 336 -16.21 14.38 -2.54
C LYS B 336 -15.71 14.35 -3.98
N PHE B 337 -15.02 13.26 -4.31
CA PHE B 337 -14.70 12.93 -5.69
C PHE B 337 -15.96 13.06 -6.53
N GLN B 338 -15.84 13.75 -7.67
CA GLN B 338 -17.02 14.05 -8.48
C GLN B 338 -16.80 13.87 -9.99
N ILE B 339 -17.73 13.17 -10.63
CA ILE B 339 -17.65 12.99 -12.07
C ILE B 339 -18.75 13.79 -12.74
N HIS B 340 -18.33 14.67 -13.66
CA HIS B 340 -19.23 15.50 -14.45
C HIS B 340 -19.24 14.98 -15.88
N ARG B 341 -20.38 15.05 -16.55
CA ARG B 341 -20.41 14.76 -17.97
C ARG B 341 -19.87 15.97 -18.72
N ASP B 342 -18.87 15.73 -19.55
CA ASP B 342 -18.29 16.77 -20.40
C ASP B 342 -18.98 16.72 -21.77
N ASP B 343 -19.82 17.71 -22.03
CA ASP B 343 -20.59 17.78 -23.28
C ASP B 343 -19.81 18.16 -24.53
N ARG B 344 -18.58 18.64 -24.36
CA ARG B 344 -17.71 18.98 -25.50
C ARG B 344 -17.38 17.73 -26.32
N SER B 345 -16.80 17.92 -27.50
CA SER B 345 -16.52 16.81 -28.43
C SER B 345 -15.88 15.60 -27.76
N THR B 346 -16.31 14.42 -28.19
CA THR B 346 -15.92 13.13 -27.62
C THR B 346 -14.44 12.77 -27.89
N ASP B 347 -13.72 13.71 -28.51
CA ASP B 347 -12.30 13.55 -28.83
C ASP B 347 -11.33 14.09 -27.78
N ARG B 348 -11.86 14.78 -26.77
CA ARG B 348 -11.06 15.24 -25.62
C ARG B 348 -10.57 14.06 -24.78
N LEU B 349 -9.43 14.24 -24.15
CA LEU B 349 -9.05 13.41 -23.02
C LEU B 349 -9.93 13.79 -21.82
N PRO B 350 -10.08 12.89 -20.83
CA PRO B 350 -10.68 13.34 -19.59
C PRO B 350 -9.82 14.45 -18.95
N SER B 351 -10.46 15.51 -18.47
CA SER B 351 -9.73 16.57 -17.80
C SER B 351 -10.11 16.60 -16.32
N ALA B 352 -9.29 17.28 -15.52
CA ALA B 352 -9.46 17.29 -14.09
C ALA B 352 -9.29 18.68 -13.51
N HIS B 353 -10.04 18.95 -12.45
CA HIS B 353 -9.83 20.12 -11.60
C HIS B 353 -9.66 19.63 -10.17
N THR B 354 -8.40 19.41 -9.80
CA THR B 354 -8.05 18.80 -8.52
C THR B 354 -8.61 19.57 -7.32
N CYS B 355 -8.69 20.91 -7.44
CA CYS B 355 -9.17 21.74 -6.35
C CYS B 355 -10.67 21.51 -6.03
N PHE B 356 -11.38 20.83 -6.93
CA PHE B 356 -12.75 20.36 -6.65
C PHE B 356 -12.80 18.82 -6.66
N ASN B 357 -11.62 18.20 -6.70
CA ASN B 357 -11.54 16.75 -6.80
C ASN B 357 -12.40 16.22 -7.94
N GLN B 358 -12.29 16.88 -9.09
CA GLN B 358 -13.25 16.74 -10.18
C GLN B 358 -12.66 16.18 -11.47
N LEU B 359 -13.30 15.13 -11.97
CA LEU B 359 -13.01 14.56 -13.28
C LEU B 359 -14.12 15.02 -14.24
N ASP B 360 -13.72 15.55 -15.39
CA ASP B 360 -14.68 15.85 -16.46
C ASP B 360 -14.55 14.76 -17.52
N LEU B 361 -15.62 13.98 -17.68
CA LEU B 361 -15.58 12.75 -18.47
C LEU B 361 -16.51 12.83 -19.69
N PRO B 362 -15.94 12.99 -20.89
CA PRO B 362 -16.70 13.05 -22.14
C PRO B 362 -17.52 11.78 -22.35
N ALA B 363 -18.59 11.87 -23.12
CA ALA B 363 -19.54 10.76 -23.25
C ALA B 363 -19.09 9.74 -24.28
N TYR B 364 -17.98 9.07 -23.99
CA TYR B 364 -17.32 8.14 -24.92
C TYR B 364 -18.23 7.03 -25.46
N GLU B 365 -17.94 6.64 -26.70
CA GLU B 365 -18.79 5.74 -27.47
C GLU B 365 -18.61 4.27 -27.11
N SER B 366 -17.54 3.94 -26.38
CA SER B 366 -17.22 2.55 -26.04
C SER B 366 -16.34 2.42 -24.79
N PHE B 367 -16.43 1.26 -24.14
CA PHE B 367 -15.57 0.98 -22.99
C PHE B 367 -14.11 1.24 -23.34
N GLU B 368 -13.62 0.53 -24.35
CA GLU B 368 -12.19 0.58 -24.66
C GLU B 368 -11.71 1.96 -25.11
N LYS B 369 -12.61 2.79 -25.65
CA LYS B 369 -12.27 4.19 -25.87
C LYS B 369 -12.05 4.92 -24.54
N LEU B 370 -13.00 4.77 -23.62
CA LEU B 370 -12.88 5.36 -22.28
C LEU B 370 -11.64 4.89 -21.52
N ARG B 371 -11.42 3.58 -21.44
CA ARG B 371 -10.25 3.05 -20.74
C ARG B 371 -8.97 3.63 -21.34
N HIS B 372 -8.82 3.52 -22.67
CA HIS B 372 -7.62 4.02 -23.35
C HIS B 372 -7.43 5.52 -23.11
N MET B 373 -8.53 6.27 -23.24
CA MET B 373 -8.49 7.71 -23.05
C MET B 373 -8.21 8.11 -21.60
N LEU B 374 -8.62 7.27 -20.65
CA LEU B 374 -8.34 7.50 -19.23
C LEU B 374 -6.87 7.19 -18.90
N LEU B 375 -6.35 6.08 -19.43
CA LEU B 375 -4.94 5.78 -19.22
C LEU B 375 -4.04 6.90 -19.72
N LEU B 376 -4.36 7.44 -20.90
CA LEU B 376 -3.59 8.52 -21.49
C LEU B 376 -3.59 9.79 -20.60
N ALA B 377 -4.77 10.19 -20.11
CA ALA B 377 -4.91 11.40 -19.29
C ALA B 377 -4.12 11.35 -17.97
N ILE B 378 -3.91 10.14 -17.47
CA ILE B 378 -3.27 9.89 -16.20
C ILE B 378 -1.74 10.12 -16.20
N GLN B 379 -1.16 10.34 -17.38
CA GLN B 379 0.29 10.52 -17.55
C GLN B 379 0.80 11.98 -17.37
N GLU B 380 1.94 12.29 -18.00
CA GLU B 380 2.64 13.56 -17.84
C GLU B 380 2.29 14.59 -18.93
NA NA C . 5.65 -15.78 10.76
NA NA D . -7.77 18.11 -4.17
#